data_6XPX
#
_entry.id   6XPX
#
_cell.length_a   68.420
_cell.length_b   101.560
_cell.length_c   77.410
_cell.angle_alpha   90.000
_cell.angle_beta   108.010
_cell.angle_gamma   90.000
#
_symmetry.space_group_name_H-M   'P 1 21 1'
#
loop_
_entity.id
_entity.type
_entity.pdbx_description
1 polymer Hemagglutinin
2 polymer 'S1V2-51 Fab light chain'
3 polymer 'S1V2-51 Fab heavy chain'
4 branched beta-D-mannopyranose-(1-4)-2-acetamido-2-deoxy-beta-D-glucopyranose-(1-4)-2-acetamido-2-deoxy-beta-D-glucopyranose
5 non-polymer 2-acetamido-2-deoxy-beta-D-glucopyranose
6 non-polymer BICINE
7 non-polymer GLYCEROL
8 non-polymer 'PENTAETHYLENE GLYCOL'
9 water water
#
loop_
_entity_poly.entity_id
_entity_poly.type
_entity_poly.pdbx_seq_one_letter_code
_entity_poly.pdbx_strand_id
1 'polypeptide(L)'
;TNATELVQSSSTGKICNNPHRILDGIDCTLIDALLGDPHCDVFQNETWDLFVERSKAFSNCYPYDVPDYASLRSLVASSG
TLEFITEGFTWTGVTQNGGSNACKRGPGSGFFSRLNWLTKSGSTYPVLNVTMPNNDNFDKLYIWGIHHPSTDQEQTSLYV
QASGRVTVSTRRSQQTIIPNIGSRPWVRGLSSRISIYWTIVKPGDVLVINSNGNLIAPRGYFKMRTGKSSIMRSDAPIDT
CISECITPNGSIPNDKPFQNVNKITYGACPKYVKQNTLKLATGLEVLFQ
;
A
2 'polypeptide(L)'
;DIVMTQSPESLAVSLGERATINCKSSQSVSFGSSDKNYLGWYQQKPGQPPKLLINWASTRESGVSDRFRGTGSGTDFTLT
ISSLQAEDAAVYYCHQYYTPPYSFGQGTKLEIKRTVAAPSVFIFPPSDEQLKSGTASVVCLLNNFYPREAKVQWKVDNAL
QSGNSQESVTEQDSKDSTYSLSSTLTLSKADYEKHKVYACEVTHQGLSSPVTKSFNRGEC
;
C
3 'polypeptide(L)'
;QVQLVESGGGVVQPGRSLRLSCVASGFTFRDSVMHWVRQAPGKGLEWVAVTSFDGGESYSADSVKGRFTISRDNSKSTLS
LQMNILRPEDTGVYYCARDRGGLDVWGQGTTVTVSGASTKGPSVFPLAPSSKSTSGGTAALGCLVKDYFPEPVTVSWNSG
ALTSGVHTFPAVLQSSGLYSLSSVVTVPSSSLGTQTYICNVNHKPSNTKVDKRVEPKSCDKHHHHHH
;
B
#
loop_
_chem_comp.id
_chem_comp.type
_chem_comp.name
_chem_comp.formula
1PE non-polymer 'PENTAETHYLENE GLYCOL' 'C10 H22 O6'
BCN non-polymer BICINE 'C6 H13 N O4'
BMA D-saccharide, beta linking beta-D-mannopyranose 'C6 H12 O6'
GOL non-polymer GLYCEROL 'C3 H8 O3'
NAG D-saccharide, beta linking 2-acetamido-2-deoxy-beta-D-glucopyranose 'C8 H15 N O6'
#
# COMPACT_ATOMS: atom_id res chain seq x y z
N GLU A 5 -40.99 24.73 -5.75
CA GLU A 5 -41.22 26.17 -5.89
C GLU A 5 -40.26 26.79 -6.89
N LEU A 6 -39.26 27.50 -6.39
CA LEU A 6 -38.34 28.13 -7.33
C LEU A 6 -36.93 28.14 -6.76
N VAL A 7 -36.59 27.05 -6.08
CA VAL A 7 -35.22 26.57 -5.98
C VAL A 7 -35.09 25.33 -6.87
N GLN A 8 -34.10 25.34 -7.77
CA GLN A 8 -33.84 24.22 -8.69
C GLN A 8 -33.01 23.17 -7.96
N SER A 9 -33.62 22.03 -7.65
CA SER A 9 -33.00 21.02 -6.80
C SER A 9 -32.47 19.83 -7.57
N SER A 10 -32.66 19.75 -8.89
CA SER A 10 -32.11 18.65 -9.66
C SER A 10 -31.20 19.16 -10.76
N SER A 11 -30.27 18.29 -11.17
CA SER A 11 -29.47 18.44 -12.38
C SER A 11 -29.57 17.15 -13.21
N THR A 12 -29.14 17.24 -14.47
CA THR A 12 -29.27 16.12 -15.40
C THR A 12 -28.16 15.08 -15.27
N GLY A 13 -27.04 15.41 -14.61
CA GLY A 13 -25.97 14.43 -14.57
C GLY A 13 -25.16 14.39 -15.84
N LYS A 14 -25.38 15.34 -16.75
CA LYS A 14 -24.58 15.41 -17.95
C LYS A 14 -24.32 16.88 -18.24
N ILE A 15 -23.24 17.14 -18.99
CA ILE A 15 -22.82 18.48 -19.37
C ILE A 15 -23.05 18.68 -20.87
N CYS A 16 -24.00 19.59 -21.21
CA CYS A 16 -24.34 19.99 -22.58
C CYS A 16 -23.21 20.73 -23.26
N ASN A 17 -22.94 20.39 -24.53
CA ASN A 17 -21.81 20.95 -25.28
C ASN A 17 -22.17 22.24 -26.02
N ASN A 18 -23.34 22.82 -25.73
CA ASN A 18 -23.84 23.97 -26.43
C ASN A 18 -24.67 24.72 -25.41
N PRO A 19 -24.61 26.08 -25.37
CA PRO A 19 -23.95 27.01 -26.30
C PRO A 19 -22.48 27.27 -26.00
N HIS A 20 -22.02 26.84 -24.84
CA HIS A 20 -20.66 27.14 -24.41
C HIS A 20 -19.65 26.17 -25.04
N ARG A 21 -18.49 26.69 -25.44
CA ARG A 21 -17.44 25.81 -25.97
C ARG A 21 -16.80 25.04 -24.80
N ILE A 22 -17.14 23.74 -24.70
CA ILE A 22 -16.66 22.85 -23.64
C ILE A 22 -15.40 22.13 -24.12
N LEU A 23 -14.36 22.12 -23.29
CA LEU A 23 -13.16 21.40 -23.64
C LEU A 23 -12.90 20.35 -22.57
N ASP A 24 -12.97 19.09 -22.97
CA ASP A 24 -12.73 17.97 -22.07
C ASP A 24 -11.25 17.69 -22.03
N GLY A 25 -10.68 17.66 -20.83
CA GLY A 25 -9.31 17.17 -20.72
C GLY A 25 -9.19 15.71 -20.34
N ILE A 26 -9.85 14.80 -21.06
CA ILE A 26 -9.73 13.38 -20.72
C ILE A 26 -8.26 13.02 -20.56
N ASP A 27 -7.82 12.74 -19.34
CA ASP A 27 -6.44 12.30 -19.04
C ASP A 27 -5.48 13.46 -18.80
N CYS A 28 -5.90 14.72 -18.96
CA CYS A 28 -5.01 15.86 -18.90
C CYS A 28 -5.59 16.93 -17.99
N THR A 29 -4.76 17.48 -17.10
CA THR A 29 -5.11 18.68 -16.35
C THR A 29 -4.73 19.94 -17.14
N LEU A 30 -5.28 21.09 -16.73
CA LEU A 30 -4.99 22.30 -17.49
C LEU A 30 -3.50 22.66 -17.37
N ILE A 31 -2.95 22.56 -16.16
CA ILE A 31 -1.51 22.79 -15.99
C ILE A 31 -0.69 21.83 -16.87
N ASP A 32 -1.04 20.54 -16.85
CA ASP A 32 -0.30 19.56 -17.66
C ASP A 32 -0.38 19.92 -19.14
N ALA A 33 -1.57 20.35 -19.60
CA ALA A 33 -1.69 20.83 -20.96
C ALA A 33 -0.84 22.08 -21.18
N LEU A 34 -0.78 22.99 -20.18
CA LEU A 34 -0.02 24.23 -20.33
C LEU A 34 1.46 23.94 -20.52
N LEU A 35 2.02 23.11 -19.62
CA LEU A 35 3.44 22.75 -19.63
C LEU A 35 3.83 22.00 -20.90
N GLY A 36 2.90 21.23 -21.46
CA GLY A 36 3.20 20.37 -22.59
C GLY A 36 3.67 18.97 -22.22
N ASP A 37 2.98 18.31 -21.28
CA ASP A 37 3.16 16.86 -21.08
C ASP A 37 2.88 16.14 -22.41
N PRO A 38 3.78 15.26 -22.89
CA PRO A 38 3.60 14.66 -24.23
C PRO A 38 2.23 14.05 -24.47
N HIS A 39 1.63 13.38 -23.49
CA HIS A 39 0.29 12.85 -23.72
C HIS A 39 -0.77 13.94 -23.70
N CYS A 40 -0.37 15.20 -23.56
CA CYS A 40 -1.30 16.32 -23.57
C CYS A 40 -1.06 17.24 -24.74
N ASP A 41 -0.25 16.84 -25.73
CA ASP A 41 0.10 17.80 -26.76
C ASP A 41 -0.99 18.07 -27.78
N VAL A 42 -2.04 17.26 -27.81
CA VAL A 42 -3.22 17.53 -28.61
C VAL A 42 -3.86 18.87 -28.20
N PHE A 43 -3.62 19.33 -26.97
CA PHE A 43 -4.21 20.57 -26.49
C PHE A 43 -3.40 21.83 -26.87
N GLN A 44 -2.31 21.69 -27.64
CA GLN A 44 -1.53 22.87 -27.96
C GLN A 44 -2.40 23.88 -28.66
N ASN A 45 -2.37 25.12 -28.18
CA ASN A 45 -3.06 26.24 -28.83
C ASN A 45 -4.59 26.09 -28.77
N GLU A 46 -5.12 25.28 -27.84
CA GLU A 46 -6.57 25.11 -27.75
C GLU A 46 -7.20 26.26 -26.97
N THR A 47 -8.48 26.53 -27.27
CA THR A 47 -9.26 27.54 -26.55
C THR A 47 -10.48 26.87 -25.94
N TRP A 48 -11.22 27.59 -25.10
CA TRP A 48 -12.39 27.01 -24.44
C TRP A 48 -13.21 28.07 -23.73
N ASP A 49 -14.51 27.84 -23.61
CA ASP A 49 -15.25 28.62 -22.62
C ASP A 49 -15.18 27.96 -21.26
N LEU A 50 -15.22 26.65 -21.23
CA LEU A 50 -15.16 25.92 -19.99
C LEU A 50 -14.27 24.71 -20.19
N PHE A 51 -13.20 24.64 -19.40
CA PHE A 51 -12.33 23.49 -19.42
C PHE A 51 -12.81 22.51 -18.35
N VAL A 52 -12.87 21.22 -18.68
CA VAL A 52 -13.45 20.25 -17.77
C VAL A 52 -12.37 19.26 -17.40
N GLU A 53 -12.01 19.26 -16.11
CA GLU A 53 -10.95 18.39 -15.60
C GLU A 53 -11.57 17.17 -14.94
N ARG A 54 -11.03 15.99 -15.26
CA ARG A 54 -11.51 14.69 -14.83
C ARG A 54 -10.64 14.13 -13.71
N SER A 55 -11.25 13.31 -12.87
CA SER A 55 -10.46 12.72 -11.82
C SER A 55 -9.61 11.56 -12.31
N LYS A 56 -9.76 11.16 -13.56
CA LYS A 56 -8.85 10.18 -14.16
C LYS A 56 -7.64 10.84 -14.83
N ALA A 57 -7.47 12.15 -14.72
CA ALA A 57 -6.28 12.75 -15.31
C ALA A 57 -5.05 12.37 -14.48
N PHE A 58 -3.90 12.25 -15.17
CA PHE A 58 -2.62 11.88 -14.58
C PHE A 58 -1.50 12.62 -15.31
N SER A 59 -0.42 12.89 -14.58
CA SER A 59 0.83 13.38 -15.16
C SER A 59 1.73 12.23 -15.58
N ASN A 60 2.36 12.39 -16.72
CA ASN A 60 3.21 11.37 -17.25
C ASN A 60 4.48 12.00 -17.81
N CYS A 61 5.03 12.95 -17.07
CA CYS A 61 6.25 13.61 -17.49
C CYS A 61 7.23 13.66 -16.34
N TYR A 62 8.07 14.70 -16.28
CA TYR A 62 9.01 14.87 -15.17
C TYR A 62 8.23 15.28 -13.92
N PRO A 63 8.44 14.64 -12.77
CA PRO A 63 7.73 15.04 -11.57
C PRO A 63 8.04 16.47 -11.18
N TYR A 64 6.99 17.18 -10.80
CA TYR A 64 7.08 18.59 -10.59
C TYR A 64 6.02 19.03 -9.62
N ASP A 65 6.28 20.17 -8.98
CA ASP A 65 5.27 20.89 -8.24
C ASP A 65 5.21 22.30 -8.81
N VAL A 66 4.04 22.93 -8.66
CA VAL A 66 3.80 24.33 -8.96
C VAL A 66 3.49 25.05 -7.65
N PRO A 67 4.42 25.81 -7.06
CA PRO A 67 4.03 26.73 -5.98
C PRO A 67 2.94 27.70 -6.48
N ASP A 68 1.89 27.83 -5.67
CA ASP A 68 0.69 28.55 -6.07
C ASP A 68 0.09 27.97 -7.35
N TYR A 69 0.08 26.64 -7.42
CA TYR A 69 -0.64 25.90 -8.45
C TYR A 69 -2.07 26.41 -8.64
N ALA A 70 -2.83 26.68 -7.58
CA ALA A 70 -4.21 27.11 -7.80
C ALA A 70 -4.29 28.44 -8.58
N SER A 71 -3.36 29.36 -8.36
CA SER A 71 -3.46 30.67 -8.98
C SER A 71 -3.10 30.60 -10.45
N LEU A 72 -1.97 29.97 -10.76
CA LEU A 72 -1.64 29.70 -12.16
C LEU A 72 -2.78 29.01 -12.90
N ARG A 73 -3.37 27.97 -12.28
CA ARG A 73 -4.50 27.29 -12.89
C ARG A 73 -5.62 28.30 -13.22
N SER A 74 -6.08 29.06 -12.22
CA SER A 74 -7.26 29.89 -12.45
C SER A 74 -6.95 31.04 -13.40
N LEU A 75 -5.71 31.48 -13.48
CA LEU A 75 -5.52 32.58 -14.40
C LEU A 75 -5.50 32.07 -15.83
N VAL A 76 -4.84 30.94 -16.08
CA VAL A 76 -4.91 30.36 -17.42
C VAL A 76 -6.34 30.00 -17.75
N ALA A 77 -7.05 29.40 -16.79
CA ALA A 77 -8.41 28.95 -17.04
C ALA A 77 -9.31 30.12 -17.42
N SER A 78 -9.09 31.30 -16.81
CA SER A 78 -9.94 32.44 -17.09
C SER A 78 -9.53 33.17 -18.36
N SER A 79 -8.28 32.99 -18.79
CA SER A 79 -7.85 33.57 -20.05
C SER A 79 -8.50 32.86 -21.23
N GLY A 80 -8.68 31.55 -21.14
CA GLY A 80 -9.44 30.81 -22.12
C GLY A 80 -8.65 30.28 -23.30
N THR A 81 -7.32 30.37 -23.27
CA THR A 81 -6.52 29.95 -24.40
C THR A 81 -5.21 29.35 -23.91
N LEU A 82 -4.58 28.57 -24.78
CA LEU A 82 -3.21 28.10 -24.61
C LEU A 82 -2.35 28.57 -25.76
N GLU A 83 -2.76 29.66 -26.43
CA GLU A 83 -1.95 30.29 -27.48
C GLU A 83 -0.53 30.50 -27.02
N PHE A 84 0.37 29.73 -27.61
CA PHE A 84 1.77 29.81 -27.29
C PHE A 84 2.53 30.33 -28.50
N ILE A 85 3.31 31.38 -28.28
CA ILE A 85 4.17 31.94 -29.30
C ILE A 85 5.62 31.65 -28.91
N THR A 86 6.35 31.02 -29.81
CA THR A 86 7.75 30.68 -29.53
C THR A 86 8.60 31.91 -29.77
N GLU A 87 9.50 32.21 -28.83
CA GLU A 87 10.37 33.38 -28.92
C GLU A 87 11.82 32.92 -29.00
N GLY A 88 12.70 33.81 -29.48
CA GLY A 88 14.05 33.43 -29.82
C GLY A 88 15.09 33.58 -28.72
N PHE A 89 14.89 32.94 -27.57
CA PHE A 89 15.89 33.03 -26.52
C PHE A 89 17.24 32.53 -27.00
N THR A 90 18.29 33.26 -26.63
CA THR A 90 19.65 32.83 -26.86
C THR A 90 20.24 32.30 -25.57
N TRP A 91 20.63 31.03 -25.56
CA TRP A 91 21.20 30.40 -24.38
C TRP A 91 22.65 30.10 -24.66
N THR A 92 23.49 31.13 -24.63
CA THR A 92 24.88 30.92 -25.02
C THR A 92 25.62 30.10 -23.95
N GLY A 93 26.48 29.18 -24.42
CA GLY A 93 27.31 28.38 -23.55
C GLY A 93 26.69 27.16 -22.88
N VAL A 94 25.44 26.81 -23.17
CA VAL A 94 24.82 25.65 -22.53
C VAL A 94 24.30 24.67 -23.58
N THR A 95 24.01 23.46 -23.14
CA THR A 95 23.29 22.50 -23.97
C THR A 95 21.79 22.68 -23.75
N GLN A 96 21.03 22.80 -24.85
CA GLN A 96 19.59 22.98 -24.74
C GLN A 96 18.87 21.62 -24.89
N ASN A 97 17.54 21.66 -24.78
CA ASN A 97 16.64 20.56 -25.17
C ASN A 97 16.89 19.25 -24.40
N GLY A 98 17.12 19.37 -23.09
CA GLY A 98 17.34 18.18 -22.28
C GLY A 98 16.05 17.40 -22.12
N GLY A 99 16.18 16.08 -22.12
CA GLY A 99 15.03 15.20 -21.99
C GLY A 99 15.28 14.09 -20.99
N SER A 100 14.21 13.38 -20.68
CA SER A 100 14.23 12.31 -19.69
C SER A 100 13.28 11.22 -20.16
N ASN A 101 13.67 9.98 -19.98
CA ASN A 101 12.81 8.88 -20.34
C ASN A 101 11.66 8.68 -19.36
N ALA A 102 11.67 9.36 -18.23
CA ALA A 102 10.40 9.36 -17.52
C ALA A 102 9.28 10.23 -18.25
N CYS A 103 9.58 10.69 -19.46
CA CYS A 103 8.70 11.61 -20.18
C CYS A 103 8.90 11.36 -21.69
N LYS A 104 8.64 10.13 -22.19
CA LYS A 104 8.97 9.86 -23.59
C LYS A 104 7.98 10.54 -24.53
N ARG A 105 8.51 11.02 -25.66
CA ARG A 105 7.68 11.59 -26.71
C ARG A 105 7.69 10.66 -27.93
N GLY A 106 7.26 9.42 -27.75
CA GLY A 106 7.48 8.42 -28.77
C GLY A 106 8.60 7.51 -28.32
N PRO A 107 9.55 7.21 -29.22
CA PRO A 107 10.64 6.28 -28.86
C PRO A 107 11.65 6.88 -27.88
N GLY A 108 12.27 8.00 -28.26
CA GLY A 108 13.32 8.61 -27.47
C GLY A 108 12.84 9.45 -26.29
N SER A 109 13.81 10.01 -25.58
CA SER A 109 13.54 10.84 -24.41
C SER A 109 12.72 12.05 -24.79
N GLY A 110 12.16 12.69 -23.77
CA GLY A 110 11.40 13.89 -24.03
C GLY A 110 11.33 14.76 -22.79
N PHE A 111 10.64 15.88 -22.95
CA PHE A 111 10.43 16.84 -21.89
C PHE A 111 9.11 17.55 -22.17
N PHE A 112 8.71 18.44 -21.26
CA PHE A 112 7.59 19.32 -21.59
C PHE A 112 7.89 20.13 -22.85
N SER A 113 6.93 20.16 -23.79
CA SER A 113 7.13 20.89 -25.03
C SER A 113 7.41 22.37 -24.83
N ARG A 114 6.80 23.01 -23.82
CA ARG A 114 6.91 24.46 -23.69
C ARG A 114 8.09 24.91 -22.82
N LEU A 115 8.96 23.97 -22.40
CA LEU A 115 10.11 24.22 -21.53
C LEU A 115 11.41 23.73 -22.18
N ASN A 116 12.54 24.32 -21.78
CA ASN A 116 13.84 24.03 -22.40
C ASN A 116 14.85 23.73 -21.29
N TRP A 117 15.22 22.47 -21.18
CA TRP A 117 16.07 22.02 -20.08
C TRP A 117 17.54 22.25 -20.43
N LEU A 118 18.21 23.12 -19.69
CA LEU A 118 19.58 23.50 -19.99
C LEU A 118 20.56 22.76 -19.10
N THR A 119 21.66 22.29 -19.68
CA THR A 119 22.73 21.62 -18.94
C THR A 119 24.06 22.12 -19.48
N LYS A 120 25.14 21.71 -18.83
CA LYS A 120 26.47 22.17 -19.24
C LYS A 120 26.73 21.77 -20.68
N SER A 121 27.59 22.53 -21.33
CA SER A 121 28.16 22.14 -22.62
C SER A 121 29.67 22.16 -22.45
N GLY A 122 30.32 21.05 -22.78
CA GLY A 122 31.69 20.84 -22.31
C GLY A 122 31.61 20.48 -20.84
N SER A 123 32.44 21.16 -20.03
CA SER A 123 32.36 21.08 -18.58
C SER A 123 32.31 22.46 -17.94
N THR A 124 31.67 23.41 -18.63
CA THR A 124 31.34 24.70 -18.03
C THR A 124 29.86 25.01 -18.25
N TYR A 125 29.30 25.75 -17.30
CA TYR A 125 27.94 26.26 -17.40
C TYR A 125 28.00 27.72 -17.01
N PRO A 126 27.86 28.64 -17.96
CA PRO A 126 28.11 30.05 -17.66
C PRO A 126 26.90 30.70 -16.99
N VAL A 127 27.14 31.89 -16.46
CA VAL A 127 26.06 32.72 -15.90
C VAL A 127 25.26 33.24 -17.09
N LEU A 128 24.08 32.68 -17.29
CA LEU A 128 23.21 33.17 -18.35
C LEU A 128 22.61 34.52 -17.95
N ASN A 129 22.64 35.49 -18.87
CA ASN A 129 21.97 36.78 -18.67
C ASN A 129 21.23 37.06 -19.97
N VAL A 130 19.90 36.84 -19.94
CA VAL A 130 19.05 36.95 -21.12
C VAL A 130 17.96 37.97 -20.85
N THR A 131 17.57 38.67 -21.93
CA THR A 131 16.51 39.67 -21.91
C THR A 131 15.47 39.34 -22.98
N MET A 132 14.20 39.64 -22.71
CA MET A 132 13.14 39.54 -23.71
C MET A 132 12.14 40.68 -23.56
N PRO A 133 12.26 41.72 -24.38
CA PRO A 133 11.29 42.83 -24.31
C PRO A 133 9.88 42.39 -24.75
N ASN A 134 8.86 43.04 -24.19
CA ASN A 134 7.47 42.94 -24.66
C ASN A 134 7.11 44.24 -25.36
N ASN A 135 7.14 44.21 -26.69
CA ASN A 135 6.76 45.37 -27.51
C ASN A 135 5.34 45.30 -28.01
N ASP A 136 4.58 44.29 -27.59
CA ASP A 136 3.23 44.09 -28.04
C ASP A 136 2.29 44.88 -27.16
N ASN A 137 0.99 44.83 -27.49
CA ASN A 137 -0.06 45.55 -26.79
C ASN A 137 -0.84 44.66 -25.82
N PHE A 138 -0.30 43.49 -25.45
CA PHE A 138 -1.00 42.55 -24.58
C PHE A 138 -0.05 41.95 -23.54
N ASP A 139 -0.65 41.26 -22.58
CA ASP A 139 0.12 40.64 -21.53
C ASP A 139 0.71 39.32 -21.99
N LYS A 140 1.99 39.12 -21.66
CA LYS A 140 2.72 37.91 -21.96
C LYS A 140 2.85 37.13 -20.66
N LEU A 141 2.52 35.84 -20.72
CA LEU A 141 2.69 34.95 -19.58
C LEU A 141 3.86 34.00 -19.84
N TYR A 142 4.87 34.05 -18.98
CA TYR A 142 6.04 33.19 -19.10
C TYR A 142 6.00 32.09 -18.05
N ILE A 143 6.20 30.85 -18.49
CA ILE A 143 6.30 29.69 -17.59
C ILE A 143 7.74 29.22 -17.62
N TRP A 144 8.31 28.97 -16.45
CA TRP A 144 9.69 28.53 -16.36
C TRP A 144 9.85 27.64 -15.12
N GLY A 145 11.05 27.07 -14.95
CA GLY A 145 11.22 26.23 -13.79
C GLY A 145 12.64 26.13 -13.29
N ILE A 146 12.81 25.41 -12.20
CA ILE A 146 14.11 25.15 -11.62
C ILE A 146 14.19 23.68 -11.22
N HIS A 147 15.34 23.06 -11.49
CA HIS A 147 15.53 21.62 -11.27
C HIS A 147 16.10 21.39 -9.87
N HIS A 148 15.45 20.48 -9.10
CA HIS A 148 15.97 20.07 -7.80
C HIS A 148 16.62 18.69 -7.93
N PRO A 149 17.94 18.61 -8.03
CA PRO A 149 18.60 17.30 -8.11
C PRO A 149 18.53 16.57 -6.79
N SER A 150 18.71 15.24 -6.89
CA SER A 150 18.64 14.32 -5.76
C SER A 150 19.87 14.43 -4.86
N THR A 151 21.05 14.55 -5.46
CA THR A 151 22.31 14.45 -4.76
C THR A 151 23.22 15.57 -5.21
N ASP A 152 24.28 15.81 -4.42
CA ASP A 152 25.28 16.79 -4.82
C ASP A 152 26.01 16.35 -6.08
N GLN A 153 26.15 15.03 -6.27
CA GLN A 153 26.87 14.55 -7.44
C GLN A 153 26.10 14.84 -8.72
N GLU A 154 24.78 14.62 -8.68
CA GLU A 154 23.91 14.94 -9.81
C GLU A 154 23.88 16.45 -10.09
N GLN A 155 23.76 17.27 -9.03
CA GLN A 155 23.93 18.71 -9.21
C GLN A 155 25.22 19.06 -9.97
N THR A 156 26.36 18.51 -9.54
CA THR A 156 27.60 18.96 -10.17
C THR A 156 27.78 18.39 -11.58
N SER A 157 27.19 17.23 -11.87
CA SER A 157 27.35 16.59 -13.17
C SER A 157 26.58 17.32 -14.25
N LEU A 158 25.43 17.90 -13.88
CA LEU A 158 24.55 18.56 -14.85
C LEU A 158 24.91 20.02 -15.04
N TYR A 159 25.23 20.71 -13.95
CA TYR A 159 25.39 22.17 -13.98
C TYR A 159 26.72 22.67 -13.45
N VAL A 160 27.71 21.81 -13.22
CA VAL A 160 29.04 22.24 -12.72
C VAL A 160 29.05 22.87 -11.32
N GLN A 161 28.34 24.01 -11.15
CA GLN A 161 28.25 24.67 -9.84
C GLN A 161 27.60 23.75 -8.80
N ALA A 162 28.20 23.72 -7.58
CA ALA A 162 27.68 22.88 -6.50
C ALA A 162 26.31 23.33 -6.02
N SER A 163 25.98 24.59 -6.25
CA SER A 163 24.68 25.15 -5.91
C SER A 163 24.27 26.09 -7.02
N GLY A 164 23.10 25.87 -7.62
CA GLY A 164 22.59 26.76 -8.63
C GLY A 164 21.64 27.82 -8.07
N ARG A 165 21.10 28.61 -8.98
CA ARG A 165 20.16 29.65 -8.60
C ARG A 165 19.50 30.22 -9.86
N VAL A 166 18.19 30.48 -9.80
CA VAL A 166 17.48 31.16 -10.89
C VAL A 166 16.91 32.48 -10.39
N THR A 167 17.04 33.51 -11.22
CA THR A 167 16.43 34.80 -10.93
C THR A 167 15.74 35.28 -12.19
N VAL A 168 14.46 35.57 -12.07
CA VAL A 168 13.63 36.12 -13.14
C VAL A 168 13.09 37.45 -12.62
N SER A 169 13.24 38.52 -13.41
CA SER A 169 12.80 39.85 -12.98
C SER A 169 11.96 40.53 -14.04
N THR A 170 10.97 41.28 -13.59
CA THR A 170 10.49 42.43 -14.35
C THR A 170 10.66 43.63 -13.44
N ARG A 171 10.14 44.76 -13.87
CA ARG A 171 10.08 45.87 -12.97
C ARG A 171 8.84 45.82 -12.09
N ARG A 172 8.02 44.79 -12.23
CA ARG A 172 6.87 44.64 -11.36
C ARG A 172 6.91 43.30 -10.62
N SER A 173 8.01 42.54 -10.75
CA SER A 173 8.10 41.26 -10.06
C SER A 173 9.57 40.81 -9.96
N GLN A 174 9.85 39.96 -8.95
CA GLN A 174 11.20 39.42 -8.71
C GLN A 174 11.11 38.03 -8.11
N GLN A 175 11.69 37.03 -8.78
CA GLN A 175 11.57 35.63 -8.40
C GLN A 175 12.96 34.99 -8.41
N THR A 176 13.52 34.74 -7.22
CA THR A 176 14.88 34.22 -7.09
C THR A 176 14.78 32.89 -6.36
N ILE A 177 15.17 31.81 -7.02
CA ILE A 177 14.97 30.48 -6.45
C ILE A 177 16.29 29.73 -6.39
N ILE A 178 16.54 29.10 -5.25
CA ILE A 178 17.73 28.25 -5.13
C ILE A 178 17.25 26.80 -5.05
N PRO A 179 17.87 25.87 -5.77
CA PRO A 179 17.42 24.48 -5.71
C PRO A 179 17.62 23.90 -4.32
N ASN A 180 16.81 22.88 -4.04
CA ASN A 180 16.70 22.19 -2.76
C ASN A 180 17.14 20.74 -2.96
N ILE A 181 18.46 20.51 -2.87
CA ILE A 181 18.99 19.19 -3.22
C ILE A 181 18.62 18.20 -2.14
N GLY A 182 18.11 17.05 -2.57
CA GLY A 182 17.63 16.03 -1.65
C GLY A 182 16.82 14.98 -2.37
N SER A 183 16.71 13.81 -1.71
CA SER A 183 16.00 12.63 -2.22
C SER A 183 14.50 12.67 -1.93
N ARG A 184 13.71 12.55 -3.00
CA ARG A 184 12.26 12.49 -2.92
C ARG A 184 11.78 11.08 -3.25
N PRO A 185 10.56 10.71 -2.84
CA PRO A 185 10.05 9.39 -3.19
C PRO A 185 10.03 9.17 -4.69
N TRP A 186 10.27 7.91 -5.08
CA TRP A 186 10.26 7.53 -6.49
C TRP A 186 8.93 7.96 -7.13
N VAL A 187 8.98 8.80 -8.16
CA VAL A 187 7.76 9.08 -8.92
C VAL A 187 8.06 8.83 -10.38
N ARG A 188 7.38 7.85 -10.96
CA ARG A 188 7.68 7.49 -12.35
C ARG A 188 9.19 7.33 -12.50
N GLY A 189 9.82 6.81 -11.45
CA GLY A 189 11.19 6.36 -11.50
C GLY A 189 12.20 7.38 -11.06
N LEU A 190 11.79 8.60 -10.75
CA LEU A 190 12.74 9.67 -10.48
C LEU A 190 12.69 10.11 -9.02
N SER A 191 13.87 10.39 -8.46
CA SER A 191 14.04 10.92 -7.12
C SER A 191 14.22 12.42 -7.13
N SER A 192 14.36 13.02 -8.32
CA SER A 192 14.52 14.46 -8.48
C SER A 192 13.16 15.10 -8.81
N ARG A 193 13.16 16.43 -8.84
CA ARG A 193 11.95 17.20 -9.00
C ARG A 193 12.22 18.47 -9.81
N ILE A 194 11.18 18.97 -10.44
CA ILE A 194 11.20 20.32 -10.99
C ILE A 194 10.11 21.16 -10.32
N SER A 195 10.44 22.42 -10.00
CA SER A 195 9.45 23.36 -9.50
C SER A 195 9.13 24.34 -10.60
N ILE A 196 7.86 24.64 -10.78
CA ILE A 196 7.39 25.51 -11.87
C ILE A 196 6.96 26.87 -11.31
N TYR A 197 7.36 27.94 -11.98
CA TYR A 197 7.02 29.32 -11.62
C TYR A 197 6.53 30.04 -12.88
N TRP A 198 5.88 31.21 -12.69
CA TRP A 198 5.37 31.92 -13.85
C TRP A 198 5.56 33.42 -13.65
N THR A 199 5.51 34.13 -14.76
CA THR A 199 5.84 35.55 -14.74
C THR A 199 5.04 36.21 -15.83
N ILE A 200 4.29 37.26 -15.47
CA ILE A 200 3.52 38.08 -16.41
C ILE A 200 4.35 39.32 -16.73
N VAL A 201 4.45 39.66 -18.02
CA VAL A 201 5.20 40.82 -18.50
C VAL A 201 4.25 41.74 -19.21
N LYS A 202 3.95 42.89 -18.61
CA LYS A 202 3.04 43.85 -19.23
C LYS A 202 3.73 44.59 -20.40
N PRO A 203 2.95 45.12 -21.34
CA PRO A 203 3.57 45.80 -22.49
C PRO A 203 4.53 46.89 -22.04
N GLY A 204 5.65 47.00 -22.77
CA GLY A 204 6.69 47.94 -22.40
C GLY A 204 7.60 47.48 -21.29
N ASP A 205 7.35 46.31 -20.70
CA ASP A 205 8.24 45.74 -19.68
C ASP A 205 9.16 44.74 -20.36
N VAL A 206 10.14 44.27 -19.60
CA VAL A 206 11.13 43.38 -20.17
C VAL A 206 11.43 42.27 -19.16
N LEU A 207 11.39 41.02 -19.64
CA LEU A 207 11.75 39.84 -18.84
C LEU A 207 13.27 39.69 -18.74
N VAL A 208 13.76 39.56 -17.51
CA VAL A 208 15.18 39.35 -17.25
C VAL A 208 15.37 38.03 -16.53
N ILE A 209 16.23 37.17 -17.08
CA ILE A 209 16.56 35.86 -16.51
C ILE A 209 18.06 35.79 -16.29
N ASN A 210 18.46 35.38 -15.11
CA ASN A 210 19.85 35.21 -14.70
C ASN A 210 19.92 33.87 -13.96
N SER A 211 20.89 33.03 -14.34
CA SER A 211 21.01 31.70 -13.75
C SER A 211 22.45 31.22 -13.88
N ASN A 212 23.00 30.63 -12.80
CA ASN A 212 24.26 29.91 -12.90
C ASN A 212 24.07 28.41 -12.69
N GLY A 213 22.85 27.91 -12.85
CA GLY A 213 22.61 26.48 -12.79
C GLY A 213 21.15 26.17 -12.55
N ASN A 214 20.71 25.01 -13.06
CA ASN A 214 19.41 24.44 -12.75
C ASN A 214 18.24 25.17 -13.43
N LEU A 215 18.51 26.12 -14.32
CA LEU A 215 17.42 26.79 -15.02
C LEU A 215 16.70 25.83 -15.94
N ILE A 216 15.37 25.77 -15.83
CA ILE A 216 14.49 25.15 -16.82
C ILE A 216 13.92 26.29 -17.66
N ALA A 217 14.35 26.39 -19.02
CA ALA A 217 14.05 27.72 -19.59
C ALA A 217 12.71 27.76 -20.30
N PRO A 218 12.11 28.95 -20.41
CA PRO A 218 10.93 29.11 -21.27
C PRO A 218 11.34 29.08 -22.73
N ARG A 219 10.35 28.89 -23.60
CA ARG A 219 10.51 28.88 -25.05
C ARG A 219 9.79 30.02 -25.75
N GLY A 220 9.10 30.85 -24.99
CA GLY A 220 8.16 31.79 -25.54
C GLY A 220 7.11 32.08 -24.48
N TYR A 221 6.01 32.68 -24.91
CA TYR A 221 5.02 33.16 -23.96
C TYR A 221 3.63 32.67 -24.39
N PHE A 222 2.71 32.66 -23.44
CA PHE A 222 1.29 32.42 -23.70
C PHE A 222 0.58 33.77 -23.78
N LYS A 223 -0.26 33.93 -24.79
CA LYS A 223 -0.93 35.21 -25.03
C LYS A 223 -2.07 35.39 -24.01
N MET A 224 -1.90 36.29 -23.07
CA MET A 224 -2.91 36.54 -22.05
C MET A 224 -4.08 37.33 -22.63
N ARG A 225 -5.28 36.84 -22.36
CA ARG A 225 -6.51 37.52 -22.68
C ARG A 225 -7.31 37.68 -21.40
N THR A 226 -8.35 38.50 -21.49
CA THR A 226 -9.26 38.75 -20.39
C THR A 226 -10.63 38.20 -20.80
N GLY A 227 -11.03 37.07 -20.19
CA GLY A 227 -12.19 36.34 -20.64
C GLY A 227 -13.18 36.05 -19.52
N LYS A 228 -14.37 35.59 -19.94
CA LYS A 228 -15.30 34.90 -19.05
C LYS A 228 -15.11 33.38 -19.11
N SER A 229 -13.96 32.89 -19.56
CA SER A 229 -13.68 31.45 -19.49
C SER A 229 -13.44 31.00 -18.04
N SER A 230 -13.61 29.70 -17.79
CA SER A 230 -13.25 29.14 -16.49
C SER A 230 -13.01 27.64 -16.67
N ILE A 231 -12.90 26.96 -15.51
CA ILE A 231 -12.53 25.54 -15.43
C ILE A 231 -13.39 24.92 -14.34
N MET A 232 -13.51 23.59 -14.38
CA MET A 232 -14.41 22.89 -13.49
C MET A 232 -13.94 21.45 -13.37
N ARG A 233 -14.02 20.94 -12.16
CA ARG A 233 -13.72 19.54 -11.89
C ARG A 233 -15.04 18.77 -11.86
N SER A 234 -15.22 17.85 -12.80
CA SER A 234 -16.45 17.09 -12.92
C SER A 234 -16.16 15.79 -13.65
N ASP A 235 -16.93 14.74 -13.31
CA ASP A 235 -16.85 13.51 -14.09
C ASP A 235 -18.10 13.26 -14.92
N ALA A 236 -19.02 14.21 -14.95
CA ALA A 236 -20.19 14.10 -15.82
C ALA A 236 -19.81 13.93 -17.29
N PRO A 237 -20.36 12.96 -18.00
CA PRO A 237 -20.15 12.89 -19.45
C PRO A 237 -20.72 14.10 -20.17
N ILE A 238 -20.16 14.37 -21.35
CA ILE A 238 -20.59 15.52 -22.15
C ILE A 238 -21.57 15.01 -23.22
N ASP A 239 -22.75 15.61 -23.28
CA ASP A 239 -23.77 15.24 -24.25
C ASP A 239 -24.01 16.41 -25.19
N THR A 240 -24.50 16.07 -26.36
CA THR A 240 -24.80 17.10 -27.34
C THR A 240 -26.27 17.48 -27.11
N CYS A 241 -26.45 18.49 -26.29
CA CYS A 241 -27.75 19.09 -26.01
C CYS A 241 -27.46 20.55 -25.63
N ILE A 242 -28.49 21.28 -25.21
CA ILE A 242 -28.39 22.73 -25.00
C ILE A 242 -28.57 23.05 -23.52
N SER A 243 -27.65 23.82 -22.95
CA SER A 243 -27.93 24.32 -21.61
C SER A 243 -27.05 25.53 -21.33
N GLU A 244 -27.65 26.64 -20.92
CA GLU A 244 -26.87 27.83 -20.61
C GLU A 244 -26.12 27.71 -19.29
N CYS A 245 -26.62 26.92 -18.34
CA CYS A 245 -26.05 26.83 -17.00
C CYS A 245 -25.46 25.44 -16.76
N ILE A 246 -24.20 25.40 -16.30
CA ILE A 246 -23.47 24.15 -16.04
C ILE A 246 -22.96 24.15 -14.60
N THR A 247 -23.09 22.99 -13.91
CA THR A 247 -22.51 22.73 -12.58
C THR A 247 -21.63 21.49 -12.68
N PRO A 248 -20.79 21.19 -11.68
CA PRO A 248 -20.06 19.90 -11.71
C PRO A 248 -20.98 18.70 -11.73
N ASN A 249 -22.19 18.84 -11.20
CA ASN A 249 -23.18 17.79 -11.23
C ASN A 249 -23.82 17.59 -12.59
N GLY A 250 -23.58 18.49 -13.53
CA GLY A 250 -24.28 18.50 -14.80
C GLY A 250 -25.05 19.80 -15.00
N SER A 251 -25.77 19.85 -16.11
CA SER A 251 -26.52 21.02 -16.52
C SER A 251 -27.79 21.18 -15.68
N ILE A 252 -28.21 22.43 -15.48
CA ILE A 252 -29.45 22.70 -14.74
C ILE A 252 -30.33 23.70 -15.50
N PRO A 253 -31.65 23.60 -15.35
CA PRO A 253 -32.53 24.67 -15.84
C PRO A 253 -32.28 25.96 -15.07
N ASN A 254 -32.42 27.09 -15.75
CA ASN A 254 -32.10 28.38 -15.17
C ASN A 254 -33.31 29.30 -15.07
N ASP A 255 -34.53 28.75 -15.22
CA ASP A 255 -35.75 29.55 -15.09
C ASP A 255 -36.07 29.87 -13.62
N LYS A 256 -35.86 28.91 -12.72
CA LYS A 256 -36.13 29.13 -11.30
C LYS A 256 -35.06 30.05 -10.72
N PRO A 257 -35.44 31.02 -9.89
CA PRO A 257 -34.45 32.01 -9.40
C PRO A 257 -33.30 31.42 -8.59
N PHE A 258 -33.43 30.24 -8.00
CA PHE A 258 -32.38 29.72 -7.12
C PHE A 258 -32.04 28.27 -7.44
N GLN A 259 -30.97 27.77 -6.83
CA GLN A 259 -30.61 26.39 -7.08
C GLN A 259 -29.86 25.82 -5.88
N ASN A 260 -30.22 24.61 -5.50
CA ASN A 260 -29.62 23.88 -4.39
C ASN A 260 -28.40 23.05 -4.78
N VAL A 261 -27.99 23.07 -6.06
CA VAL A 261 -27.29 21.93 -6.65
C VAL A 261 -25.78 22.01 -6.41
N ASN A 262 -25.19 23.18 -6.61
CA ASN A 262 -23.75 23.30 -6.43
C ASN A 262 -23.39 24.78 -6.38
N LYS A 263 -22.48 25.13 -5.47
CA LYS A 263 -22.00 26.51 -5.41
C LYS A 263 -21.20 26.86 -6.66
N ILE A 264 -20.47 25.90 -7.24
CA ILE A 264 -19.74 26.15 -8.49
C ILE A 264 -20.69 26.09 -9.68
N THR A 265 -20.67 27.12 -10.51
CA THR A 265 -21.55 27.20 -11.67
C THR A 265 -20.77 27.88 -12.78
N TYR A 266 -21.20 27.64 -14.01
CA TYR A 266 -20.75 28.44 -15.15
C TYR A 266 -21.94 28.80 -16.04
N GLY A 267 -21.91 30.00 -16.61
CA GLY A 267 -23.04 30.46 -17.40
C GLY A 267 -24.06 31.19 -16.55
N ALA A 268 -25.16 31.59 -17.20
CA ALA A 268 -26.16 32.45 -16.58
C ALA A 268 -27.00 31.60 -15.63
N CYS A 269 -26.69 31.66 -14.34
CA CYS A 269 -27.24 30.65 -13.46
C CYS A 269 -28.12 31.27 -12.38
N PRO A 270 -29.07 30.50 -11.84
CA PRO A 270 -29.72 30.91 -10.60
C PRO A 270 -28.75 30.86 -9.42
N LYS A 271 -29.13 31.58 -8.36
CA LYS A 271 -28.24 31.81 -7.24
C LYS A 271 -28.26 30.64 -6.26
N TYR A 272 -27.08 30.25 -5.79
CA TYR A 272 -26.99 29.25 -4.74
C TYR A 272 -27.62 29.77 -3.45
N VAL A 273 -28.37 28.91 -2.74
CA VAL A 273 -29.19 29.40 -1.62
C VAL A 273 -29.24 28.51 -0.38
N LYS A 274 -28.18 27.74 -0.12
CA LYS A 274 -27.87 27.14 1.18
C LYS A 274 -28.92 26.12 1.64
N GLN A 275 -29.93 25.82 0.81
CA GLN A 275 -31.18 25.12 1.21
C GLN A 275 -31.80 25.75 2.47
N ASP B 1 -3.26 3.09 -10.72
CA ASP B 1 -2.46 2.66 -9.59
C ASP B 1 -1.94 1.27 -9.97
N ILE B 2 -0.65 1.02 -9.79
CA ILE B 2 -0.06 -0.23 -10.26
C ILE B 2 -0.31 -1.34 -9.25
N VAL B 3 -0.84 -2.46 -9.73
CA VAL B 3 -1.28 -3.60 -8.93
C VAL B 3 -0.29 -4.72 -9.17
N MET B 4 0.11 -5.42 -8.11
CA MET B 4 1.03 -6.56 -8.26
C MET B 4 0.27 -7.87 -8.02
N THR B 5 0.47 -8.84 -8.90
CA THR B 5 -0.21 -10.13 -8.83
C THR B 5 0.81 -11.24 -8.90
N GLN B 6 0.92 -11.99 -7.81
CA GLN B 6 1.88 -13.06 -7.67
C GLN B 6 1.23 -14.38 -8.04
N SER B 7 2.07 -15.41 -8.25
CA SER B 7 1.57 -16.64 -8.83
C SER B 7 2.65 -17.73 -8.84
N PRO B 8 2.38 -18.93 -8.27
CA PRO B 8 1.17 -19.36 -7.55
C PRO B 8 1.07 -18.71 -6.17
N GLU B 9 -0.08 -18.88 -5.52
CA GLU B 9 -0.21 -18.41 -4.14
C GLU B 9 0.49 -19.35 -3.19
N SER B 10 0.53 -20.63 -3.55
CA SER B 10 1.04 -21.72 -2.74
C SER B 10 1.87 -22.63 -3.62
N LEU B 11 3.00 -23.09 -3.09
CA LEU B 11 3.97 -23.84 -3.87
C LEU B 11 4.66 -24.88 -2.99
N ALA B 12 4.74 -26.14 -3.47
CA ALA B 12 5.47 -27.17 -2.73
C ALA B 12 6.60 -27.68 -3.60
N VAL B 13 7.84 -27.65 -3.05
CA VAL B 13 9.03 -28.03 -3.80
C VAL B 13 9.85 -29.03 -2.99
N SER B 14 10.30 -30.09 -3.64
CA SER B 14 11.18 -31.07 -3.00
C SER B 14 12.54 -30.46 -2.68
N LEU B 15 13.14 -30.97 -1.61
CA LEU B 15 14.48 -30.54 -1.23
C LEU B 15 15.48 -30.78 -2.35
N GLY B 16 16.19 -29.73 -2.76
CA GLY B 16 17.16 -29.81 -3.83
C GLY B 16 16.58 -29.61 -5.21
N GLU B 17 15.28 -29.35 -5.33
CA GLU B 17 14.73 -28.98 -6.62
C GLU B 17 14.59 -27.45 -6.69
N ARG B 18 14.13 -26.96 -7.84
CA ARG B 18 14.05 -25.53 -8.08
C ARG B 18 12.63 -24.98 -7.90
N ALA B 19 12.54 -23.78 -7.38
CA ALA B 19 11.27 -23.11 -7.14
C ALA B 19 11.20 -21.87 -8.01
N THR B 20 9.99 -21.55 -8.43
CA THR B 20 9.77 -20.48 -9.41
C THR B 20 8.49 -19.79 -9.02
N ILE B 21 8.63 -18.52 -8.64
CA ILE B 21 7.51 -17.66 -8.30
C ILE B 21 7.41 -16.59 -9.37
N ASN B 22 6.19 -16.28 -9.77
CA ASN B 22 5.92 -15.37 -10.87
C ASN B 22 5.19 -14.18 -10.33
N CYS B 23 5.54 -13.01 -10.86
CA CYS B 23 4.93 -11.75 -10.45
C CYS B 23 4.63 -10.94 -11.70
N LYS B 24 3.42 -10.39 -11.75
CA LYS B 24 2.99 -9.55 -12.84
C LYS B 24 2.49 -8.23 -12.26
N SER B 25 2.85 -7.15 -12.93
CA SER B 25 2.39 -5.81 -12.60
C SER B 25 1.43 -5.42 -13.69
N SER B 26 0.40 -4.64 -13.30
CA SER B 26 -0.65 -4.23 -14.22
C SER B 26 -0.16 -3.15 -15.19
N GLN B 27 0.85 -2.38 -14.80
CA GLN B 27 1.47 -1.43 -15.70
C GLN B 27 2.99 -1.61 -15.61
N SER B 28 3.69 -1.10 -16.62
CA SER B 28 5.14 -1.27 -16.65
C SER B 28 5.79 -0.57 -15.46
N VAL B 29 6.82 -1.21 -14.88
CA VAL B 29 7.59 -0.63 -13.77
C VAL B 29 9.06 -0.48 -14.16
N SER B 30 9.31 -0.29 -15.46
CA SER B 30 10.61 -0.04 -16.04
C SER B 30 10.73 1.42 -16.38
N PHE B 31 11.97 1.94 -16.35
CA PHE B 31 12.15 3.39 -16.43
C PHE B 31 11.81 3.88 -17.83
N GLY B 32 12.59 3.48 -18.82
CA GLY B 32 12.20 3.89 -20.15
C GLY B 32 11.76 2.64 -20.85
N SER B 33 12.42 2.39 -22.00
CA SER B 33 12.77 1.05 -22.44
C SER B 33 14.13 0.62 -21.90
N SER B 34 14.49 1.11 -20.72
CA SER B 34 15.74 0.75 -20.04
C SER B 34 15.63 -0.63 -19.41
N ASP B 35 16.73 -1.04 -18.78
CA ASP B 35 16.74 -2.22 -17.95
C ASP B 35 16.58 -1.89 -16.47
N LYS B 36 16.21 -0.65 -16.14
CA LYS B 36 15.94 -0.29 -14.76
C LYS B 36 14.49 -0.62 -14.41
N ASN B 37 14.35 -1.59 -13.50
CA ASN B 37 13.08 -2.15 -13.11
C ASN B 37 12.90 -1.99 -11.61
N TYR B 38 11.81 -1.34 -11.23
CA TYR B 38 11.64 -0.90 -9.85
C TYR B 38 10.86 -1.95 -9.10
N LEU B 39 11.54 -3.07 -8.82
CA LEU B 39 10.92 -4.30 -8.38
C LEU B 39 11.79 -4.96 -7.32
N GLY B 40 11.23 -5.20 -6.13
CA GLY B 40 11.91 -5.98 -5.11
C GLY B 40 11.26 -7.32 -4.77
N TRP B 41 12.09 -8.28 -4.39
CA TRP B 41 11.64 -9.57 -3.85
C TRP B 41 11.99 -9.67 -2.36
N TYR B 42 11.06 -10.20 -1.56
CA TYR B 42 11.26 -10.35 -0.11
C TYR B 42 10.91 -11.76 0.35
N GLN B 43 11.57 -12.15 1.42
CA GLN B 43 11.35 -13.40 2.13
C GLN B 43 10.88 -13.08 3.53
N GLN B 44 9.84 -13.76 4.01
CA GLN B 44 9.37 -13.47 5.37
C GLN B 44 8.99 -14.77 6.04
N LYS B 45 9.56 -15.02 7.15
CA LYS B 45 9.31 -16.17 7.99
C LYS B 45 8.49 -15.77 9.19
N PRO B 46 7.75 -16.71 9.78
CA PRO B 46 6.86 -16.37 10.90
C PRO B 46 7.54 -15.56 12.00
N GLY B 47 6.86 -14.48 12.41
CA GLY B 47 7.26 -13.62 13.51
C GLY B 47 8.42 -12.71 13.22
N GLN B 48 8.70 -12.42 11.95
CA GLN B 48 9.88 -11.65 11.60
C GLN B 48 9.54 -10.63 10.53
N PRO B 49 10.27 -9.51 10.50
CA PRO B 49 10.10 -8.56 9.40
C PRO B 49 10.56 -9.18 8.08
N PRO B 50 10.00 -8.75 6.96
CA PRO B 50 10.50 -9.24 5.67
C PRO B 50 11.99 -8.95 5.52
N LYS B 51 12.59 -9.60 4.53
CA LYS B 51 13.99 -9.37 4.20
C LYS B 51 14.11 -9.22 2.69
N LEU B 52 14.70 -8.10 2.28
CA LEU B 52 14.96 -7.80 0.88
C LEU B 52 16.02 -8.79 0.36
N LEU B 53 15.58 -9.67 -0.56
CA LEU B 53 16.40 -10.65 -1.24
C LEU B 53 16.99 -10.12 -2.55
N ILE B 54 16.14 -9.59 -3.42
CA ILE B 54 16.52 -9.09 -4.75
C ILE B 54 15.98 -7.66 -4.91
N ASN B 55 16.84 -6.77 -5.38
CA ASN B 55 16.59 -5.35 -5.62
C ASN B 55 16.76 -5.07 -7.08
N TRP B 56 16.01 -4.09 -7.60
CA TRP B 56 16.05 -3.74 -9.01
C TRP B 56 15.89 -4.97 -9.89
N ALA B 57 14.91 -5.80 -9.53
CA ALA B 57 14.50 -7.00 -10.29
C ALA B 57 15.54 -8.13 -10.30
N SER B 58 16.82 -7.79 -10.41
CA SER B 58 17.83 -8.83 -10.56
C SER B 58 19.00 -8.75 -9.60
N THR B 59 19.18 -7.67 -8.86
CA THR B 59 20.40 -7.55 -8.10
C THR B 59 20.23 -8.20 -6.75
N ARG B 60 20.98 -9.29 -6.56
CA ARG B 60 21.03 -10.01 -5.29
C ARG B 60 21.54 -9.10 -4.19
N GLU B 61 20.82 -9.04 -3.08
CA GLU B 61 21.27 -8.26 -1.94
C GLU B 61 22.47 -8.94 -1.25
N SER B 62 23.28 -8.13 -0.56
CA SER B 62 24.50 -8.62 0.10
C SER B 62 24.19 -9.71 1.12
N GLY B 63 24.91 -10.84 1.01
CA GLY B 63 24.68 -11.95 1.88
C GLY B 63 23.61 -12.90 1.41
N VAL B 64 22.87 -12.57 0.37
CA VAL B 64 21.84 -13.48 -0.15
C VAL B 64 22.53 -14.55 -1.01
N SER B 65 22.17 -15.81 -0.80
CA SER B 65 22.79 -16.93 -1.49
C SER B 65 22.67 -16.84 -3.02
N ASP B 66 23.71 -17.34 -3.69
CA ASP B 66 23.71 -17.66 -5.14
C ASP B 66 22.41 -18.30 -5.66
N ARG B 67 21.74 -19.11 -4.82
CA ARG B 67 20.60 -19.90 -5.31
C ARG B 67 19.40 -19.03 -5.72
N PHE B 68 19.25 -17.87 -5.10
CA PHE B 68 18.20 -16.92 -5.46
C PHE B 68 18.60 -16.13 -6.70
N ARG B 69 17.71 -16.10 -7.69
CA ARG B 69 17.88 -15.28 -8.89
C ARG B 69 16.54 -14.66 -9.26
N GLY B 70 16.58 -13.42 -9.78
CA GLY B 70 15.40 -12.78 -10.34
C GLY B 70 15.67 -12.24 -11.73
N THR B 71 14.64 -12.25 -12.57
CA THR B 71 14.69 -11.46 -13.82
C THR B 71 13.33 -10.84 -14.14
N GLY B 72 13.24 -10.32 -15.37
CA GLY B 72 12.09 -9.65 -15.91
C GLY B 72 12.35 -8.16 -16.09
N SER B 73 11.49 -7.54 -16.91
CA SER B 73 11.64 -6.14 -17.32
C SER B 73 10.31 -5.69 -17.90
N GLY B 74 9.66 -4.70 -17.29
CA GLY B 74 8.38 -4.21 -17.77
C GLY B 74 7.20 -4.58 -16.89
N THR B 75 6.55 -5.72 -17.18
CA THR B 75 5.40 -6.17 -16.36
C THR B 75 5.53 -7.58 -15.80
N ASP B 76 6.40 -8.44 -16.34
CA ASP B 76 6.46 -9.86 -16.02
C ASP B 76 7.79 -10.17 -15.33
N PHE B 77 7.73 -10.78 -14.15
CA PHE B 77 8.93 -10.94 -13.35
C PHE B 77 8.94 -12.32 -12.73
N THR B 78 10.16 -12.84 -12.52
CA THR B 78 10.33 -14.19 -12.04
C THR B 78 11.43 -14.25 -11.00
N LEU B 79 11.17 -15.00 -9.92
CA LEU B 79 12.14 -15.32 -8.87
C LEU B 79 12.40 -16.82 -8.87
N THR B 80 13.66 -17.20 -8.66
CA THR B 80 14.11 -18.59 -8.68
C THR B 80 14.92 -18.95 -7.44
N ILE B 81 14.72 -20.16 -6.91
CA ILE B 81 15.52 -20.69 -5.80
C ILE B 81 16.01 -22.07 -6.22
N SER B 82 17.30 -22.21 -6.52
CA SER B 82 17.73 -23.32 -7.37
C SER B 82 17.96 -24.67 -6.66
N SER B 83 18.50 -24.75 -5.45
CA SER B 83 18.70 -26.08 -4.83
C SER B 83 18.02 -26.07 -3.48
N LEU B 84 16.70 -26.19 -3.51
CA LEU B 84 15.91 -25.75 -2.37
C LEU B 84 16.41 -26.35 -1.08
N GLN B 85 16.54 -25.51 -0.05
CA GLN B 85 16.88 -25.95 1.30
C GLN B 85 15.76 -25.63 2.27
N ALA B 86 15.79 -26.30 3.42
CA ALA B 86 14.67 -26.23 4.36
C ALA B 86 14.50 -24.81 4.89
N GLU B 87 15.61 -24.10 5.10
CA GLU B 87 15.58 -22.71 5.48
C GLU B 87 14.88 -21.82 4.45
N ASP B 88 14.63 -22.30 3.22
CA ASP B 88 13.96 -21.46 2.24
C ASP B 88 12.45 -21.42 2.44
N ALA B 89 11.89 -22.33 3.25
CA ALA B 89 10.46 -22.36 3.42
C ALA B 89 9.98 -21.05 4.03
N ALA B 90 9.08 -20.35 3.34
CA ALA B 90 8.73 -18.99 3.75
C ALA B 90 7.74 -18.42 2.75
N VAL B 91 7.23 -17.22 3.08
CA VAL B 91 6.41 -16.45 2.16
C VAL B 91 7.29 -15.48 1.39
N TYR B 92 7.05 -15.39 0.09
CA TYR B 92 7.75 -14.46 -0.78
C TYR B 92 6.78 -13.44 -1.31
N TYR B 93 7.32 -12.24 -1.52
CA TYR B 93 6.54 -11.07 -1.95
C TYR B 93 7.31 -10.30 -2.99
N CYS B 94 6.63 -9.88 -4.06
CA CYS B 94 7.17 -8.86 -4.93
C CYS B 94 6.62 -7.47 -4.52
N HIS B 95 7.21 -6.44 -5.12
CA HIS B 95 7.01 -5.06 -4.67
C HIS B 95 7.47 -4.10 -5.76
N GLN B 96 6.58 -3.17 -6.16
CA GLN B 96 6.91 -2.15 -7.15
C GLN B 96 7.12 -0.81 -6.44
N TYR B 97 8.25 -0.15 -6.76
CA TYR B 97 8.49 1.18 -6.21
C TYR B 97 8.78 2.16 -7.34
N TYR B 98 8.11 1.95 -8.48
CA TYR B 98 8.24 2.84 -9.63
C TYR B 98 7.57 4.18 -9.37
N THR B 99 6.36 4.13 -8.81
CA THR B 99 5.57 5.34 -8.65
C THR B 99 4.55 5.06 -7.58
N PRO B 100 4.21 6.03 -6.75
CA PRO B 100 3.23 5.79 -5.71
C PRO B 100 1.82 5.82 -6.29
N PRO B 101 0.80 5.24 -5.59
CA PRO B 101 0.98 4.36 -4.39
C PRO B 101 1.69 3.06 -4.72
N TYR B 102 2.72 2.81 -3.93
CA TYR B 102 3.49 1.59 -4.04
C TYR B 102 2.68 0.40 -3.55
N SER B 103 3.06 -0.80 -3.96
CA SER B 103 2.22 -1.89 -3.51
C SER B 103 2.97 -3.21 -3.63
N PHE B 104 2.56 -4.15 -2.79
CA PHE B 104 3.14 -5.48 -2.75
C PHE B 104 2.24 -6.47 -3.48
N GLY B 105 2.87 -7.49 -4.05
CA GLY B 105 2.16 -8.71 -4.37
C GLY B 105 1.55 -9.33 -3.13
N GLN B 106 0.58 -10.23 -3.35
CA GLN B 106 -0.24 -10.78 -2.27
C GLN B 106 0.49 -11.87 -1.47
N GLY B 107 1.66 -12.32 -1.92
CA GLY B 107 2.46 -13.27 -1.19
C GLY B 107 2.36 -14.66 -1.79
N THR B 108 3.44 -15.41 -1.70
CA THR B 108 3.50 -16.76 -2.23
C THR B 108 4.10 -17.64 -1.15
N LYS B 109 3.33 -18.62 -0.66
CA LYS B 109 3.82 -19.50 0.39
C LYS B 109 4.61 -20.64 -0.26
N LEU B 110 5.90 -20.66 -0.03
CA LEU B 110 6.75 -21.76 -0.46
C LEU B 110 6.94 -22.72 0.72
N GLU B 111 6.53 -23.98 0.53
CA GLU B 111 6.66 -25.02 1.55
C GLU B 111 7.43 -26.22 1.00
N ILE B 112 7.96 -27.03 1.92
CA ILE B 112 8.70 -28.23 1.55
C ILE B 112 7.74 -29.36 1.18
N LYS B 113 7.91 -29.91 -0.04
CA LYS B 113 7.13 -31.07 -0.49
C LYS B 113 7.64 -32.34 0.18
N ARG B 114 6.73 -33.14 0.71
CA ARG B 114 7.03 -34.49 1.17
C ARG B 114 6.03 -35.42 0.50
N THR B 115 6.06 -36.69 0.89
CA THR B 115 5.08 -37.64 0.37
C THR B 115 3.74 -37.48 1.10
N VAL B 116 2.70 -38.09 0.51
CA VAL B 116 1.36 -37.97 1.07
C VAL B 116 1.34 -38.59 2.46
N ALA B 117 0.49 -38.03 3.34
CA ALA B 117 0.34 -38.53 4.71
C ALA B 117 -1.07 -38.25 5.21
N ALA B 118 -1.74 -39.32 5.61
CA ALA B 118 -3.14 -39.22 5.95
C ALA B 118 -3.31 -38.70 7.39
N PRO B 119 -4.29 -37.83 7.63
CA PRO B 119 -4.49 -37.31 8.99
C PRO B 119 -5.05 -38.38 9.89
N SER B 120 -4.47 -38.48 11.09
CA SER B 120 -5.20 -39.05 12.22
C SER B 120 -6.31 -38.09 12.61
N VAL B 121 -7.52 -38.62 12.78
CA VAL B 121 -8.67 -37.80 13.11
C VAL B 121 -9.17 -38.14 14.50
N PHE B 122 -9.32 -37.09 15.35
CA PHE B 122 -9.90 -37.23 16.67
C PHE B 122 -11.02 -36.20 16.90
N ILE B 123 -11.96 -36.56 17.77
CA ILE B 123 -13.06 -35.67 18.12
C ILE B 123 -13.13 -35.55 19.63
N PHE B 124 -13.62 -34.39 20.09
CA PHE B 124 -13.65 -34.07 21.51
C PHE B 124 -14.94 -33.36 21.90
N PRO B 125 -15.80 -33.98 22.69
CA PRO B 125 -17.07 -33.37 23.01
C PRO B 125 -16.83 -32.23 23.97
N PRO B 126 -17.81 -31.36 24.16
CA PRO B 126 -17.64 -30.28 25.13
C PRO B 126 -17.33 -30.85 26.51
N SER B 127 -16.41 -30.19 27.24
CA SER B 127 -16.24 -30.51 28.67
C SER B 127 -17.50 -30.19 29.49
N ASP B 128 -17.64 -30.92 30.59
CA ASP B 128 -18.63 -30.58 31.62
C ASP B 128 -18.51 -29.13 32.08
N GLU B 129 -17.27 -28.67 32.33
CA GLU B 129 -17.06 -27.31 32.83
C GLU B 129 -17.58 -26.29 31.84
N GLN B 130 -17.28 -26.50 30.56
CA GLN B 130 -17.73 -25.57 29.54
C GLN B 130 -19.26 -25.54 29.47
N LEU B 131 -19.92 -26.69 29.69
CA LEU B 131 -21.37 -26.67 29.55
C LEU B 131 -22.03 -25.87 30.66
N LYS B 132 -21.50 -25.92 31.89
CA LYS B 132 -21.97 -25.08 32.97
C LYS B 132 -21.88 -23.59 32.64
N SER B 133 -20.89 -23.18 31.85
CA SER B 133 -20.72 -21.77 31.52
C SER B 133 -21.69 -21.30 30.45
N GLY B 134 -22.49 -22.19 29.84
CA GLY B 134 -23.50 -21.80 28.86
C GLY B 134 -23.08 -21.89 27.41
N THR B 135 -21.98 -22.57 27.10
CA THR B 135 -21.45 -22.67 25.75
C THR B 135 -20.97 -24.10 25.53
N ALA B 136 -20.76 -24.47 24.26
CA ALA B 136 -20.42 -25.85 23.95
C ALA B 136 -19.53 -25.85 22.72
N SER B 137 -18.27 -26.27 22.90
CA SER B 137 -17.32 -26.34 21.80
C SER B 137 -17.02 -27.80 21.50
N VAL B 138 -17.12 -28.17 20.24
CA VAL B 138 -16.72 -29.49 19.78
C VAL B 138 -15.49 -29.30 18.92
N VAL B 139 -14.44 -30.04 19.24
CA VAL B 139 -13.18 -29.87 18.56
C VAL B 139 -12.90 -31.13 17.76
N CYS B 140 -12.52 -30.94 16.51
CA CYS B 140 -12.03 -31.99 15.65
C CYS B 140 -10.54 -31.77 15.42
N LEU B 141 -9.74 -32.82 15.64
CA LEU B 141 -8.28 -32.72 15.48
C LEU B 141 -7.81 -33.56 14.28
N LEU B 142 -7.17 -32.88 13.33
CA LEU B 142 -6.46 -33.52 12.24
C LEU B 142 -4.97 -33.51 12.56
N ASN B 143 -4.37 -34.66 12.79
CA ASN B 143 -3.00 -34.69 13.25
C ASN B 143 -2.07 -35.20 12.17
N ASN B 144 -0.95 -34.46 11.99
CA ASN B 144 0.27 -34.87 11.29
C ASN B 144 -0.02 -35.43 9.90
N PHE B 145 -0.31 -34.54 8.95
CA PHE B 145 -0.73 -34.93 7.61
C PHE B 145 -0.08 -33.99 6.59
N TYR B 146 -0.22 -34.37 5.31
CA TYR B 146 0.34 -33.73 4.12
C TYR B 146 -0.31 -34.28 2.84
N PRO B 147 -0.66 -33.43 1.86
CA PRO B 147 -0.48 -31.97 1.83
C PRO B 147 -1.43 -31.21 2.78
N ARG B 148 -1.42 -29.87 2.75
CA ARG B 148 -2.24 -29.05 3.66
C ARG B 148 -3.72 -29.07 3.30
N GLU B 149 -4.07 -29.37 2.05
CA GLU B 149 -5.44 -29.23 1.59
C GLU B 149 -6.28 -30.29 2.26
N ALA B 150 -7.21 -29.86 3.09
CA ALA B 150 -7.98 -30.77 3.90
C ALA B 150 -9.35 -30.14 4.04
N LYS B 151 -10.39 -30.93 3.80
CA LYS B 151 -11.76 -30.49 3.94
C LYS B 151 -12.37 -31.16 5.16
N VAL B 152 -12.81 -30.34 6.11
CA VAL B 152 -13.36 -30.75 7.39
C VAL B 152 -14.80 -30.28 7.42
N GLN B 153 -15.73 -31.21 7.60
CA GLN B 153 -17.14 -30.85 7.60
C GLN B 153 -17.81 -31.29 8.90
N TRP B 154 -18.58 -30.38 9.49
CA TRP B 154 -19.43 -30.68 10.63
C TRP B 154 -20.83 -31.15 10.20
N LYS B 155 -21.30 -32.23 10.82
CA LYS B 155 -22.66 -32.68 10.60
C LYS B 155 -23.32 -32.88 11.96
N VAL B 156 -24.56 -32.43 12.07
CA VAL B 156 -25.31 -32.43 13.33
C VAL B 156 -26.62 -33.15 13.04
N ASP B 157 -26.70 -34.41 13.44
CA ASP B 157 -27.80 -35.29 13.03
C ASP B 157 -27.96 -35.29 11.50
N ASN B 158 -26.83 -35.25 10.79
CA ASN B 158 -26.72 -35.37 9.33
C ASN B 158 -26.98 -34.07 8.60
N ALA B 159 -27.12 -32.94 9.30
CA ALA B 159 -27.23 -31.62 8.68
C ALA B 159 -25.85 -30.99 8.58
N LEU B 160 -25.35 -30.84 7.36
CA LEU B 160 -24.09 -30.15 7.13
C LEU B 160 -24.14 -28.74 7.71
N GLN B 161 -23.14 -28.40 8.51
CA GLN B 161 -23.09 -27.12 9.19
C GLN B 161 -22.38 -26.07 8.35
N SER B 162 -22.76 -24.80 8.55
CA SER B 162 -22.07 -23.64 7.99
C SER B 162 -22.08 -22.48 8.98
N GLY B 163 -20.95 -21.76 9.05
CA GLY B 163 -20.81 -20.51 9.80
C GLY B 163 -20.80 -20.61 11.32
N ASN B 164 -20.68 -21.80 11.90
CA ASN B 164 -20.55 -21.96 13.35
C ASN B 164 -19.27 -22.68 13.74
N SER B 165 -18.31 -22.80 12.81
CA SER B 165 -17.04 -23.46 13.08
C SER B 165 -15.89 -22.65 12.54
N GLN B 166 -14.73 -22.84 13.15
CA GLN B 166 -13.52 -22.09 12.85
C GLN B 166 -12.36 -23.06 12.93
N GLU B 167 -11.39 -22.91 12.03
CA GLU B 167 -10.21 -23.77 12.06
C GLU B 167 -8.92 -22.96 11.96
N SER B 168 -7.83 -23.60 12.39
CA SER B 168 -6.51 -23.03 12.27
C SER B 168 -5.50 -24.17 12.12
N VAL B 169 -4.34 -23.84 11.55
CA VAL B 169 -3.38 -24.83 11.09
C VAL B 169 -2.00 -24.48 11.63
N THR B 170 -1.27 -25.50 12.10
CA THR B 170 0.09 -25.26 12.57
C THR B 170 0.98 -24.91 11.38
N GLU B 171 2.15 -24.34 11.68
CA GLU B 171 3.20 -24.28 10.68
C GLU B 171 3.64 -25.70 10.33
N GLN B 172 4.13 -25.87 9.10
CA GLN B 172 4.77 -27.10 8.64
C GLN B 172 5.79 -27.57 9.65
N ASP B 173 5.68 -28.83 10.04
CA ASP B 173 6.59 -29.37 11.04
C ASP B 173 8.05 -29.27 10.59
N SER B 174 8.92 -28.99 11.56
CA SER B 174 10.33 -28.76 11.25
C SER B 174 11.06 -30.02 10.81
N LYS B 175 10.64 -31.17 11.29
CA LYS B 175 11.36 -32.38 10.92
C LYS B 175 10.52 -33.38 10.13
N ASP B 176 9.23 -33.54 10.43
CA ASP B 176 8.47 -34.47 9.60
C ASP B 176 7.66 -33.78 8.49
N SER B 177 7.66 -32.43 8.43
CA SER B 177 7.10 -31.64 7.34
C SER B 177 5.58 -31.78 7.17
N THR B 178 4.86 -32.31 8.17
CA THR B 178 3.41 -32.40 8.11
C THR B 178 2.74 -31.17 8.71
N TYR B 179 1.44 -31.17 8.63
CA TYR B 179 0.60 -30.11 9.13
C TYR B 179 -0.32 -30.73 10.16
N SER B 180 -0.92 -29.85 10.96
CA SER B 180 -1.97 -30.26 11.87
C SER B 180 -3.06 -29.20 11.84
N LEU B 181 -4.27 -29.65 12.05
CA LEU B 181 -5.41 -28.77 11.88
C LEU B 181 -6.34 -29.04 13.03
N SER B 182 -6.96 -27.97 13.54
CA SER B 182 -8.01 -28.16 14.52
C SER B 182 -9.14 -27.26 14.15
N SER B 183 -10.34 -27.83 14.13
CA SER B 183 -11.58 -27.15 13.82
C SER B 183 -12.47 -27.19 15.05
N THR B 184 -13.10 -26.05 15.37
CA THR B 184 -13.94 -25.89 16.56
C THR B 184 -15.34 -25.47 16.18
N LEU B 185 -16.29 -26.39 16.32
CA LEU B 185 -17.71 -26.09 16.20
C LEU B 185 -18.21 -25.51 17.51
N THR B 186 -18.79 -24.32 17.50
CA THR B 186 -19.25 -23.70 18.74
C THR B 186 -20.74 -23.35 18.70
N LEU B 187 -21.47 -23.80 19.72
CA LEU B 187 -22.90 -23.58 19.89
C LEU B 187 -23.18 -23.04 21.28
N SER B 188 -24.42 -22.56 21.45
CA SER B 188 -24.99 -22.36 22.77
C SER B 188 -25.12 -23.71 23.48
N LYS B 189 -25.18 -23.68 24.81
CA LYS B 189 -25.58 -24.89 25.53
C LYS B 189 -26.97 -25.36 25.10
N ALA B 190 -27.92 -24.41 24.95
CA ALA B 190 -29.30 -24.73 24.60
C ALA B 190 -29.40 -25.41 23.24
N ASP B 191 -28.86 -24.77 22.20
CA ASP B 191 -28.86 -25.37 20.87
C ASP B 191 -28.08 -26.67 20.83
N TYR B 192 -27.11 -26.84 21.74
CA TYR B 192 -26.32 -28.07 21.79
C TYR B 192 -27.16 -29.26 22.23
N GLU B 193 -28.00 -29.08 23.25
CA GLU B 193 -28.81 -30.15 23.79
C GLU B 193 -29.94 -30.54 22.84
N LYS B 194 -30.16 -29.77 21.78
CA LYS B 194 -31.23 -30.04 20.83
C LYS B 194 -30.94 -31.27 20.00
N HIS B 195 -29.66 -31.54 19.75
CA HIS B 195 -29.25 -32.59 18.86
C HIS B 195 -28.50 -33.69 19.60
N LYS B 196 -28.42 -34.85 18.93
CA LYS B 196 -27.83 -36.04 19.52
C LYS B 196 -26.48 -36.42 18.90
N VAL B 197 -26.33 -36.37 17.57
CA VAL B 197 -25.16 -36.93 16.88
C VAL B 197 -24.30 -35.79 16.33
N TYR B 198 -23.06 -35.72 16.79
CA TYR B 198 -22.15 -34.66 16.40
C TYR B 198 -20.99 -35.32 15.68
N ALA B 199 -20.81 -34.95 14.44
CA ALA B 199 -19.92 -35.68 13.57
C ALA B 199 -18.94 -34.73 12.92
N CYS B 200 -17.72 -35.21 12.76
CA CYS B 200 -16.65 -34.55 12.05
C CYS B 200 -16.30 -35.40 10.83
N GLU B 201 -16.35 -34.83 9.62
CA GLU B 201 -16.06 -35.57 8.41
C GLU B 201 -14.86 -34.99 7.68
N VAL B 202 -13.87 -35.83 7.42
CA VAL B 202 -12.58 -35.35 6.95
C VAL B 202 -12.30 -35.92 5.57
N THR B 203 -12.01 -35.05 4.63
CA THR B 203 -11.66 -35.46 3.28
C THR B 203 -10.24 -35.01 2.98
N HIS B 204 -9.41 -35.96 2.58
CA HIS B 204 -7.99 -35.71 2.32
C HIS B 204 -7.48 -36.74 1.32
N GLN B 205 -6.47 -36.31 0.55
CA GLN B 205 -5.89 -37.11 -0.53
C GLN B 205 -5.42 -38.48 -0.03
N GLY B 206 -4.74 -38.52 1.13
CA GLY B 206 -4.23 -39.78 1.68
C GLY B 206 -5.27 -40.71 2.29
N LEU B 207 -6.55 -40.37 2.25
CA LEU B 207 -7.60 -41.24 2.77
C LEU B 207 -8.26 -41.95 1.60
N SER B 208 -8.46 -43.26 1.73
CA SER B 208 -9.17 -43.98 0.67
C SER B 208 -10.49 -43.26 0.35
N SER B 209 -11.25 -42.91 1.39
CA SER B 209 -12.58 -42.32 1.26
C SER B 209 -12.81 -41.49 2.52
N PRO B 210 -13.73 -40.52 2.48
CA PRO B 210 -13.92 -39.62 3.63
C PRO B 210 -14.05 -40.34 4.98
N VAL B 211 -13.24 -39.91 5.96
CA VAL B 211 -13.23 -40.48 7.32
C VAL B 211 -14.13 -39.64 8.22
N THR B 212 -14.81 -40.29 9.17
CA THR B 212 -15.73 -39.63 10.09
C THR B 212 -15.54 -40.10 11.52
N LYS B 213 -15.39 -39.15 12.45
CA LYS B 213 -15.46 -39.41 13.87
C LYS B 213 -16.73 -38.72 14.39
N SER B 214 -17.40 -39.35 15.34
CA SER B 214 -18.67 -38.79 15.83
C SER B 214 -18.98 -39.34 17.20
N PHE B 215 -19.86 -38.63 17.93
CA PHE B 215 -20.29 -39.07 19.25
C PHE B 215 -21.76 -38.69 19.47
N ASN B 216 -22.26 -39.06 20.66
CA ASN B 216 -23.65 -38.87 21.05
C ASN B 216 -23.81 -38.10 22.35
N ARG B 217 -25.04 -38.03 22.87
CA ARG B 217 -25.37 -37.36 24.12
C ARG B 217 -25.07 -35.87 24.03
N GLY B 218 -25.84 -35.13 23.24
CA GLY B 218 -25.92 -33.69 23.36
C GLY B 218 -27.13 -33.18 24.16
N GLN C 1 25.27 -0.09 14.85
CA GLN C 1 24.82 -0.72 13.63
C GLN C 1 23.50 -0.10 13.05
N VAL C 2 23.22 -0.38 11.77
CA VAL C 2 22.02 0.10 11.08
C VAL C 2 20.76 -0.54 11.65
N GLN C 3 19.87 0.28 12.19
CA GLN C 3 18.79 -0.22 13.01
C GLN C 3 17.62 0.76 13.00
N LEU C 4 16.40 0.23 12.93
CA LEU C 4 15.18 1.01 13.12
C LEU C 4 14.37 0.37 14.23
N VAL C 5 13.90 1.15 15.18
CA VAL C 5 13.09 0.64 16.26
C VAL C 5 11.77 1.42 16.29
N GLU C 6 10.65 0.70 16.09
CA GLU C 6 9.30 1.24 16.14
C GLU C 6 8.77 1.13 17.57
N SER C 7 7.77 1.96 17.87
CA SER C 7 7.18 2.06 19.22
C SER C 7 5.87 2.82 19.13
N GLY C 8 5.06 2.67 20.18
CA GLY C 8 3.76 3.30 20.22
C GLY C 8 2.56 2.40 19.96
N GLY C 9 2.75 1.12 19.66
CA GLY C 9 1.61 0.25 19.45
C GLY C 9 0.82 0.05 20.73
N GLY C 10 -0.39 -0.46 20.55
CA GLY C 10 -1.20 -0.87 21.69
C GLY C 10 -2.58 -1.32 21.25
N VAL C 11 -3.39 -1.68 22.24
CA VAL C 11 -4.83 -1.86 22.05
C VAL C 11 -5.48 -0.48 22.11
N VAL C 12 -6.23 -0.13 21.07
CA VAL C 12 -6.95 1.14 21.05
C VAL C 12 -8.38 0.92 20.58
N GLN C 13 -9.32 1.63 21.20
CA GLN C 13 -10.71 1.55 20.79
C GLN C 13 -10.91 2.12 19.38
N PRO C 14 -11.89 1.60 18.63
CA PRO C 14 -12.15 2.12 17.28
C PRO C 14 -12.57 3.59 17.31
N GLY C 15 -12.17 4.33 16.28
CA GLY C 15 -12.42 5.75 16.20
C GLY C 15 -11.42 6.61 16.94
N ARG C 16 -10.65 6.03 17.86
CA ARG C 16 -9.61 6.76 18.56
C ARG C 16 -8.39 6.92 17.66
N SER C 17 -7.36 7.54 18.24
CA SER C 17 -6.10 7.82 17.56
C SER C 17 -4.96 7.31 18.39
N LEU C 18 -3.82 7.10 17.72
CA LEU C 18 -2.55 6.94 18.40
C LEU C 18 -1.44 7.17 17.39
N ARG C 19 -0.27 7.53 17.90
CA ARG C 19 0.88 7.94 17.09
C ARG C 19 1.98 6.88 17.23
N LEU C 20 2.45 6.38 16.09
CA LEU C 20 3.58 5.47 16.05
C LEU C 20 4.84 6.26 15.83
N SER C 21 5.93 5.72 16.33
CA SER C 21 7.22 6.36 16.14
C SER C 21 8.26 5.29 15.84
N CYS C 22 9.25 5.70 15.06
CA CYS C 22 10.37 4.89 14.66
C CYS C 22 11.66 5.69 14.84
N VAL C 23 12.62 5.16 15.61
CA VAL C 23 13.94 5.77 15.79
C VAL C 23 14.97 5.02 14.95
N ALA C 24 15.72 5.76 14.14
CA ALA C 24 16.71 5.23 13.22
C ALA C 24 18.11 5.32 13.84
N SER C 25 19.01 4.40 13.49
CA SER C 25 20.40 4.43 13.98
C SER C 25 21.37 3.91 12.94
N GLY C 26 22.62 4.37 13.06
CA GLY C 26 23.70 3.85 12.26
C GLY C 26 23.71 4.24 10.80
N PHE C 27 22.97 5.27 10.40
CA PHE C 27 23.07 5.78 9.04
C PHE C 27 22.56 7.21 9.00
N THR C 28 22.86 7.90 7.91
CA THR C 28 22.37 9.25 7.74
C THR C 28 20.86 9.26 7.47
N PHE C 29 20.09 9.31 8.56
CA PHE C 29 18.64 9.22 8.46
C PHE C 29 18.08 10.31 7.55
N ARG C 30 18.57 11.55 7.72
CA ARG C 30 18.04 12.72 7.01
C ARG C 30 18.14 12.59 5.49
N ASP C 31 19.07 11.79 4.97
CA ASP C 31 19.25 11.62 3.53
C ASP C 31 18.45 10.46 2.92
N SER C 32 17.57 9.80 3.69
CA SER C 32 16.85 8.64 3.19
C SER C 32 15.34 8.87 3.13
N VAL C 33 14.74 8.50 2.00
CA VAL C 33 13.29 8.34 1.97
C VAL C 33 12.92 7.22 2.93
N MET C 34 11.81 7.39 3.66
CA MET C 34 11.40 6.45 4.68
C MET C 34 9.92 6.08 4.49
N HIS C 35 9.59 4.82 4.86
CA HIS C 35 8.28 4.25 4.59
C HIS C 35 7.66 3.69 5.86
N TRP C 36 6.33 3.60 5.88
CA TRP C 36 5.63 2.71 6.79
C TRP C 36 4.94 1.64 5.97
N VAL C 37 5.14 0.38 6.36
CA VAL C 37 4.44 -0.78 5.80
C VAL C 37 3.76 -1.47 6.96
N ARG C 38 2.62 -2.11 6.70
CA ARG C 38 1.99 -2.83 7.80
C ARG C 38 1.56 -4.21 7.32
N GLN C 39 1.04 -5.01 8.26
CA GLN C 39 0.64 -6.38 7.94
C GLN C 39 -0.38 -6.87 8.96
N ALA C 40 -1.63 -7.05 8.53
CA ALA C 40 -2.70 -7.57 9.39
C ALA C 40 -2.47 -9.04 9.73
N PRO C 41 -2.99 -9.52 10.86
CA PRO C 41 -2.68 -10.90 11.28
C PRO C 41 -3.05 -11.89 10.18
N GLY C 42 -2.06 -12.70 9.77
CA GLY C 42 -2.30 -13.78 8.82
C GLY C 42 -2.43 -13.34 7.38
N LYS C 43 -2.15 -12.06 7.08
CA LYS C 43 -2.34 -11.38 5.80
C LYS C 43 -0.99 -10.94 5.21
N GLY C 44 -1.02 -10.44 3.98
CA GLY C 44 0.21 -10.06 3.30
C GLY C 44 0.66 -8.66 3.64
N LEU C 45 1.86 -8.30 3.20
CA LEU C 45 2.35 -6.94 3.41
C LEU C 45 1.47 -5.89 2.72
N GLU C 46 1.26 -4.75 3.38
CA GLU C 46 0.49 -3.64 2.81
C GLU C 46 1.25 -2.32 2.99
N TRP C 47 1.63 -1.69 1.87
CA TRP C 47 2.34 -0.42 1.95
C TRP C 47 1.43 0.66 2.51
N VAL C 48 1.94 1.52 3.41
CA VAL C 48 1.13 2.55 4.08
C VAL C 48 1.46 3.96 3.59
N ALA C 49 2.73 4.37 3.70
CA ALA C 49 3.09 5.76 3.46
C ALA C 49 4.59 5.91 3.30
N VAL C 50 4.98 7.10 2.81
CA VAL C 50 6.35 7.38 2.40
C VAL C 50 6.57 8.88 2.49
N THR C 51 7.78 9.27 2.80
CA THR C 51 8.09 10.69 2.84
C THR C 51 9.52 10.94 2.40
N SER C 52 9.70 12.09 1.76
CA SER C 52 10.97 12.54 1.20
C SER C 52 11.96 12.89 2.31
N PHE C 53 13.19 13.19 1.89
CA PHE C 53 14.26 13.55 2.82
C PHE C 53 13.85 14.62 3.84
N ASP C 54 13.06 15.61 3.43
CA ASP C 54 12.81 16.71 4.35
C ASP C 54 11.40 16.71 4.90
N GLY C 55 10.63 15.65 4.68
CA GLY C 55 9.21 15.76 4.92
C GLY C 55 8.42 16.69 3.99
N GLY C 56 9.01 17.19 2.89
CA GLY C 56 8.26 18.06 1.98
C GLY C 56 7.26 17.41 1.04
N GLU C 57 7.49 16.14 0.64
CA GLU C 57 6.55 15.33 -0.14
C GLU C 57 6.23 14.03 0.59
N SER C 58 4.94 13.74 0.75
CA SER C 58 4.55 12.44 1.24
C SER C 58 3.52 11.78 0.32
N TYR C 59 3.38 10.48 0.50
CA TYR C 59 2.32 9.75 -0.18
C TYR C 59 1.80 8.72 0.80
N SER C 60 0.53 8.39 0.67
CA SER C 60 -0.10 7.39 1.53
C SER C 60 -0.98 6.51 0.65
N ALA C 61 -1.26 5.30 1.12
CA ALA C 61 -2.15 4.40 0.40
C ALA C 61 -3.60 4.84 0.55
N ASP C 62 -4.42 4.55 -0.47
CA ASP C 62 -5.84 4.94 -0.48
C ASP C 62 -6.63 4.30 0.66
N SER C 63 -6.13 3.22 1.28
CA SER C 63 -6.81 2.63 2.43
C SER C 63 -6.65 3.46 3.70
N VAL C 64 -5.74 4.44 3.70
CA VAL C 64 -5.47 5.27 4.87
C VAL C 64 -5.55 6.76 4.56
N LYS C 65 -5.73 7.14 3.29
CA LYS C 65 -5.73 8.54 2.92
C LYS C 65 -6.84 9.25 3.69
N GLY C 66 -6.52 10.47 4.15
CA GLY C 66 -7.38 11.23 5.02
C GLY C 66 -7.28 10.86 6.49
N ARG C 67 -6.66 9.76 6.84
CA ARG C 67 -6.68 9.39 8.25
C ARG C 67 -5.29 9.25 8.87
N PHE C 68 -4.31 8.73 8.13
CA PHE C 68 -2.94 8.56 8.61
C PHE C 68 -2.05 9.67 8.04
N THR C 69 -1.17 10.21 8.88
CA THR C 69 -0.21 11.24 8.48
C THR C 69 1.18 10.76 8.86
N ILE C 70 2.11 10.85 7.90
CA ILE C 70 3.51 10.48 8.11
C ILE C 70 4.32 11.75 8.17
N SER C 71 5.25 11.80 9.12
CA SER C 71 6.20 12.91 9.22
C SER C 71 7.45 12.38 9.86
N ARG C 72 8.51 13.17 9.72
CA ARG C 72 9.82 12.87 10.28
C ARG C 72 10.34 14.08 11.05
N ASP C 73 11.34 13.85 11.86
CA ASP C 73 12.01 14.89 12.65
C ASP C 73 13.49 14.55 12.53
N ASN C 74 14.15 15.18 11.53
CA ASN C 74 15.55 14.85 11.29
C ASN C 74 16.45 15.21 12.47
N SER C 75 16.07 16.21 13.26
CA SER C 75 16.90 16.51 14.43
C SER C 75 16.80 15.42 15.49
N LYS C 76 15.85 14.52 15.39
CA LYS C 76 15.78 13.39 16.30
C LYS C 76 15.85 12.05 15.58
N SER C 77 16.11 12.05 14.27
CA SER C 77 16.16 10.81 13.51
C SER C 77 14.93 9.96 13.83
N THR C 78 13.74 10.57 13.67
CA THR C 78 12.49 9.97 14.11
C THR C 78 11.46 10.08 13.00
N LEU C 79 11.04 8.92 12.50
CA LEU C 79 9.88 8.82 11.62
C LEU C 79 8.61 8.67 12.48
N SER C 80 7.48 9.16 11.96
CA SER C 80 6.25 9.11 12.73
C SER C 80 5.06 8.74 11.85
N LEU C 81 4.07 8.14 12.50
CA LEU C 81 2.81 7.83 11.85
C LEU C 81 1.71 8.25 12.80
N GLN C 82 1.01 9.33 12.46
CA GLN C 82 -0.16 9.78 13.21
C GLN C 82 -1.40 9.12 12.64
N MET C 83 -2.03 8.26 13.43
CA MET C 83 -3.17 7.48 12.96
C MET C 83 -4.45 8.00 13.62
N ASN C 84 -5.38 8.51 12.81
CA ASN C 84 -6.67 9.00 13.28
C ASN C 84 -7.83 8.13 12.80
N ILE C 85 -8.94 8.21 13.56
CA ILE C 85 -10.16 7.44 13.34
C ILE C 85 -9.83 6.00 12.99
N LEU C 86 -9.26 5.28 13.95
CA LEU C 86 -8.84 3.92 13.71
C LEU C 86 -10.05 2.99 13.59
N ARG C 87 -9.92 1.99 12.74
CA ARG C 87 -10.95 0.98 12.50
C ARG C 87 -10.37 -0.42 12.66
N PRO C 88 -11.20 -1.41 12.99
CA PRO C 88 -10.65 -2.76 13.26
C PRO C 88 -9.73 -3.27 12.16
N GLU C 89 -10.07 -3.02 10.88
CA GLU C 89 -9.23 -3.44 9.75
C GLU C 89 -7.87 -2.74 9.72
N ASP C 90 -7.63 -1.74 10.58
CA ASP C 90 -6.28 -1.20 10.68
C ASP C 90 -5.38 -2.02 11.61
N THR C 91 -5.90 -3.06 12.26
CA THR C 91 -5.10 -3.91 13.13
C THR C 91 -3.98 -4.61 12.34
N GLY C 92 -2.78 -4.60 12.91
CA GLY C 92 -1.63 -5.22 12.28
C GLY C 92 -0.34 -4.81 12.97
N VAL C 93 0.76 -5.43 12.52
CA VAL C 93 2.12 -5.03 12.89
C VAL C 93 2.57 -3.97 11.90
N TYR C 94 3.05 -2.83 12.41
CA TYR C 94 3.48 -1.72 11.58
C TYR C 94 5.00 -1.59 11.60
N TYR C 95 5.62 -1.62 10.43
CA TYR C 95 7.06 -1.49 10.26
C TYR C 95 7.43 -0.11 9.72
N CYS C 96 8.55 0.42 10.18
CA CYS C 96 9.20 1.50 9.46
C CYS C 96 10.37 0.88 8.67
N ALA C 97 10.63 1.43 7.48
CA ALA C 97 11.54 0.83 6.52
C ALA C 97 12.28 1.90 5.72
N ARG C 98 13.57 1.70 5.51
CA ARG C 98 14.37 2.62 4.70
C ARG C 98 14.33 2.26 3.20
N ASP C 99 14.26 3.30 2.37
CA ASP C 99 14.23 3.14 0.92
C ASP C 99 15.65 3.00 0.39
N ARG C 100 15.93 1.90 -0.29
CA ARG C 100 17.14 1.86 -1.14
C ARG C 100 16.74 1.34 -2.50
N GLY C 101 15.73 2.00 -3.10
CA GLY C 101 14.92 1.40 -4.11
C GLY C 101 13.97 0.48 -3.38
N GLY C 102 14.44 -0.74 -3.08
CA GLY C 102 13.54 -1.75 -2.59
C GLY C 102 13.45 -2.04 -1.11
N LEU C 103 13.68 -1.10 -0.21
CA LEU C 103 13.32 -1.33 1.21
C LEU C 103 14.25 -2.33 1.91
N ASP C 104 15.49 -1.92 2.18
CA ASP C 104 16.50 -2.88 2.54
C ASP C 104 16.66 -3.02 4.04
N VAL C 105 16.04 -2.18 4.85
CA VAL C 105 16.19 -2.24 6.29
C VAL C 105 14.81 -2.03 6.89
N TRP C 106 14.49 -2.86 7.88
CA TRP C 106 13.18 -2.90 8.51
C TRP C 106 13.37 -3.00 10.01
N GLY C 107 12.54 -2.30 10.77
CA GLY C 107 12.45 -2.50 12.20
C GLY C 107 11.77 -3.83 12.52
N GLN C 108 11.65 -4.10 13.83
CA GLN C 108 10.96 -5.31 14.24
C GLN C 108 9.45 -5.13 14.26
N GLY C 109 8.97 -3.89 14.30
CA GLY C 109 7.56 -3.63 14.21
C GLY C 109 6.93 -3.41 15.57
N THR C 110 5.77 -2.75 15.55
CA THR C 110 4.96 -2.50 16.72
C THR C 110 3.52 -2.89 16.37
N THR C 111 2.81 -3.46 17.35
CA THR C 111 1.51 -4.09 17.08
C THR C 111 0.36 -3.20 17.52
N VAL C 112 -0.58 -2.99 16.61
CA VAL C 112 -1.74 -2.15 16.86
C VAL C 112 -2.99 -3.06 16.79
N THR C 113 -3.78 -3.05 17.86
CA THR C 113 -5.03 -3.79 17.94
C THR C 113 -6.17 -2.79 18.13
N VAL C 114 -6.95 -2.56 17.08
CA VAL C 114 -8.13 -1.70 17.15
C VAL C 114 -9.36 -2.56 17.40
N SER C 115 -9.96 -2.45 18.59
CA SER C 115 -11.14 -3.25 18.89
C SER C 115 -11.88 -2.68 20.10
N GLY C 116 -13.17 -3.02 20.20
CA GLY C 116 -14.02 -2.58 21.31
C GLY C 116 -13.98 -3.50 22.51
N ALA C 117 -13.47 -4.71 22.30
CA ALA C 117 -13.28 -5.71 23.37
C ALA C 117 -12.53 -5.14 24.57
N SER C 118 -13.03 -5.50 25.74
CA SER C 118 -12.40 -5.22 27.02
C SER C 118 -11.47 -6.37 27.37
N THR C 119 -10.41 -6.05 28.09
CA THR C 119 -9.46 -7.08 28.50
C THR C 119 -10.18 -8.16 29.29
N LYS C 120 -9.88 -9.43 28.98
CA LYS C 120 -10.60 -10.57 29.55
C LYS C 120 -9.68 -11.78 29.50
N GLY C 121 -9.62 -12.53 30.59
CA GLY C 121 -8.76 -13.70 30.64
C GLY C 121 -9.46 -14.93 30.12
N PRO C 122 -8.71 -15.97 29.74
CA PRO C 122 -9.33 -17.18 29.17
C PRO C 122 -9.92 -18.10 30.23
N SER C 123 -10.85 -18.92 29.75
CA SER C 123 -11.31 -20.15 30.41
C SER C 123 -10.53 -21.31 29.79
N VAL C 124 -10.12 -22.26 30.62
CA VAL C 124 -9.36 -23.39 30.10
C VAL C 124 -10.20 -24.65 30.29
N PHE C 125 -10.76 -25.14 29.18
CA PHE C 125 -11.49 -26.40 29.31
C PHE C 125 -10.65 -27.57 28.82
N PRO C 126 -10.78 -28.70 29.47
CA PRO C 126 -10.06 -29.91 29.02
C PRO C 126 -10.71 -30.55 27.79
N LEU C 127 -9.87 -30.94 26.84
CA LEU C 127 -10.22 -31.94 25.82
C LEU C 127 -9.68 -33.28 26.33
N ALA C 128 -10.57 -34.16 26.74
CA ALA C 128 -10.12 -35.38 27.38
C ALA C 128 -9.92 -36.48 26.34
N PRO C 129 -8.98 -37.40 26.56
CA PRO C 129 -8.81 -38.51 25.61
C PRO C 129 -9.91 -39.54 25.81
N SER C 130 -10.19 -40.30 24.74
CA SER C 130 -11.19 -41.36 24.79
C SER C 130 -11.00 -42.36 23.67
N SER C 131 -11.77 -43.44 23.78
CA SER C 131 -12.27 -44.24 22.65
C SER C 131 -12.12 -43.57 21.27
N SER C 135 -6.04 -43.32 18.36
CA SER C 135 -6.13 -44.02 17.08
C SER C 135 -5.76 -45.49 17.27
N GLY C 136 -4.50 -45.74 17.62
CA GLY C 136 -4.06 -47.09 17.94
C GLY C 136 -2.88 -47.06 18.89
N GLY C 137 -3.14 -47.28 20.18
CA GLY C 137 -2.11 -47.07 21.19
C GLY C 137 -1.60 -45.63 21.33
N THR C 138 -2.29 -44.66 20.71
CA THR C 138 -1.91 -43.25 20.80
C THR C 138 -3.16 -42.45 21.14
N ALA C 139 -3.10 -41.71 22.25
CA ALA C 139 -4.24 -40.93 22.70
C ALA C 139 -4.01 -39.45 22.41
N ALA C 140 -5.06 -38.78 21.97
CA ALA C 140 -5.01 -37.33 21.84
C ALA C 140 -5.68 -36.72 23.05
N LEU C 141 -5.02 -35.75 23.67
CA LEU C 141 -5.69 -34.94 24.69
C LEU C 141 -5.28 -33.50 24.47
N GLY C 142 -5.96 -32.58 25.15
CA GLY C 142 -5.68 -31.18 24.89
C GLY C 142 -6.38 -30.27 25.87
N CYS C 143 -6.26 -28.98 25.57
CA CYS C 143 -6.81 -27.86 26.34
C CYS C 143 -7.40 -26.87 25.35
N LEU C 144 -8.66 -26.48 25.57
CA LEU C 144 -9.28 -25.39 24.81
C LEU C 144 -9.15 -24.10 25.64
N VAL C 145 -8.37 -23.15 25.15
CA VAL C 145 -8.18 -21.86 25.83
C VAL C 145 -9.13 -20.88 25.16
N LYS C 146 -10.27 -20.61 25.81
CA LYS C 146 -11.40 -20.00 25.12
C LYS C 146 -11.72 -18.62 25.65
N ASP C 147 -11.97 -17.70 24.71
CA ASP C 147 -12.56 -16.40 25.01
C ASP C 147 -11.66 -15.50 25.84
N TYR C 148 -10.59 -14.99 25.25
CA TYR C 148 -9.75 -14.01 25.91
C TYR C 148 -9.45 -12.82 24.99
N PHE C 149 -8.99 -11.74 25.61
CA PHE C 149 -8.56 -10.59 24.82
C PHE C 149 -7.64 -9.77 25.68
N PRO C 150 -6.50 -9.32 25.15
CA PRO C 150 -6.04 -9.63 23.79
C PRO C 150 -4.93 -10.69 23.75
N GLU C 151 -4.27 -10.77 22.63
CA GLU C 151 -3.21 -11.73 22.49
C GLU C 151 -1.95 -11.21 23.18
N PRO C 152 -1.05 -12.10 23.57
CA PRO C 152 -1.06 -13.56 23.36
C PRO C 152 -1.29 -14.37 24.59
N VAL C 153 -1.44 -15.70 24.43
CA VAL C 153 -1.47 -16.67 25.52
C VAL C 153 -0.35 -17.66 25.31
N THR C 154 0.19 -18.18 26.39
CA THR C 154 1.18 -19.24 26.26
C THR C 154 0.62 -20.51 26.86
N VAL C 155 1.07 -21.64 26.33
CA VAL C 155 0.64 -22.94 26.83
C VAL C 155 1.84 -23.83 26.92
N SER C 156 2.02 -24.46 28.07
CA SER C 156 2.96 -25.55 28.16
C SER C 156 2.25 -26.74 28.82
N TRP C 157 2.93 -27.89 28.78
CA TRP C 157 2.39 -29.13 29.32
C TRP C 157 3.33 -29.64 30.40
N ASN C 158 2.78 -29.91 31.58
CA ASN C 158 3.59 -30.36 32.72
C ASN C 158 4.78 -29.44 32.95
N SER C 159 4.51 -28.13 32.99
CA SER C 159 5.49 -27.14 33.37
C SER C 159 6.71 -27.12 32.44
N GLY C 160 6.50 -27.26 31.14
CA GLY C 160 7.61 -27.43 30.22
C GLY C 160 8.12 -28.85 29.99
N ALA C 161 7.76 -29.82 30.85
CA ALA C 161 8.40 -31.14 30.79
C ALA C 161 7.88 -31.98 29.65
N LEU C 162 6.73 -31.65 29.10
CA LEU C 162 6.14 -32.42 28.03
C LEU C 162 6.12 -31.51 26.80
N THR C 163 6.97 -31.83 25.82
CA THR C 163 7.08 -31.00 24.62
C THR C 163 6.90 -31.79 23.34
N SER C 164 7.48 -32.96 23.20
CA SER C 164 7.35 -33.68 21.94
C SER C 164 5.90 -34.07 21.71
N GLY C 165 5.43 -33.91 20.48
CA GLY C 165 4.08 -34.22 20.10
C GLY C 165 3.06 -33.22 20.55
N VAL C 166 3.48 -32.01 20.94
CA VAL C 166 2.56 -30.95 21.36
C VAL C 166 2.34 -30.01 20.18
N HIS C 167 1.09 -29.65 19.93
CA HIS C 167 0.71 -28.70 18.89
C HIS C 167 -0.14 -27.62 19.56
N THR C 168 0.38 -26.40 19.65
CA THR C 168 -0.45 -25.29 20.13
C THR C 168 -0.86 -24.44 18.92
N PHE C 169 -2.21 -24.28 18.72
CA PHE C 169 -2.63 -23.74 17.41
C PHE C 169 -2.74 -22.22 17.42
N PRO C 170 -2.56 -21.57 16.28
CA PRO C 170 -2.94 -20.16 16.18
C PRO C 170 -4.37 -19.95 16.67
N ALA C 171 -4.54 -18.95 17.53
CA ALA C 171 -5.86 -18.45 17.91
C ALA C 171 -6.66 -18.01 16.68
N VAL C 172 -7.97 -18.16 16.80
CA VAL C 172 -8.91 -17.56 15.88
C VAL C 172 -9.61 -16.46 16.66
N LEU C 173 -10.00 -15.44 15.93
CA LEU C 173 -10.76 -14.34 16.47
C LEU C 173 -12.24 -14.62 16.20
N GLN C 174 -12.99 -14.95 17.23
CA GLN C 174 -14.40 -15.18 17.00
C GLN C 174 -15.16 -13.85 16.92
N SER C 175 -16.44 -13.94 16.56
CA SER C 175 -17.24 -12.76 16.28
C SER C 175 -17.64 -12.00 17.53
N SER C 176 -17.34 -12.52 18.72
CA SER C 176 -17.48 -11.79 19.96
C SER C 176 -16.36 -10.78 20.18
N GLY C 177 -15.39 -10.71 19.27
CA GLY C 177 -14.21 -9.96 19.54
C GLY C 177 -13.19 -10.66 20.40
N LEU C 178 -13.50 -11.85 20.92
CA LEU C 178 -12.56 -12.58 21.76
C LEU C 178 -11.79 -13.61 20.94
N TYR C 179 -10.62 -13.99 21.47
CA TYR C 179 -9.77 -15.00 20.85
C TYR C 179 -9.96 -16.33 21.55
N SER C 180 -9.53 -17.37 20.85
CA SER C 180 -9.69 -18.70 21.39
C SER C 180 -8.74 -19.62 20.65
N LEU C 181 -7.97 -20.43 21.39
CA LEU C 181 -7.12 -21.44 20.77
C LEU C 181 -7.15 -22.73 21.55
N SER C 182 -6.54 -23.74 20.98
CA SER C 182 -6.40 -25.00 21.67
C SER C 182 -4.96 -25.42 21.61
N SER C 183 -4.59 -26.30 22.55
CA SER C 183 -3.28 -26.94 22.56
C SER C 183 -3.52 -28.42 22.80
N VAL C 184 -3.00 -29.25 21.90
CA VAL C 184 -3.17 -30.70 21.96
C VAL C 184 -1.81 -31.36 22.05
N VAL C 185 -1.79 -32.56 22.62
CA VAL C 185 -0.63 -33.43 22.62
C VAL C 185 -1.11 -34.87 22.41
N THR C 186 -0.33 -35.64 21.66
CA THR C 186 -0.57 -37.06 21.55
C THR C 186 0.40 -37.81 22.46
N VAL C 187 -0.11 -38.85 23.11
CA VAL C 187 0.65 -39.59 24.10
C VAL C 187 0.34 -41.06 23.94
N PRO C 188 1.27 -41.92 24.38
CA PRO C 188 0.97 -43.36 24.40
C PRO C 188 -0.31 -43.60 25.15
N SER C 189 -1.25 -44.29 24.50
CA SER C 189 -2.51 -44.50 25.19
C SER C 189 -2.34 -45.38 26.42
N SER C 190 -1.18 -46.02 26.59
CA SER C 190 -0.96 -46.88 27.75
C SER C 190 -0.77 -46.06 29.04
N SER C 191 -0.18 -44.87 28.95
CA SER C 191 0.10 -44.11 30.16
C SER C 191 -1.02 -43.16 30.56
N LEU C 192 -2.30 -43.50 30.38
CA LEU C 192 -3.34 -42.53 30.74
C LEU C 192 -3.68 -42.62 32.22
N GLY C 193 -3.87 -43.83 32.75
CA GLY C 193 -4.02 -43.97 34.20
C GLY C 193 -2.74 -43.82 34.97
N THR C 194 -1.62 -43.60 34.28
CA THR C 194 -0.27 -43.56 34.82
C THR C 194 0.26 -42.15 35.00
N GLN C 195 0.24 -41.40 33.94
CA GLN C 195 0.92 -40.13 33.88
C GLN C 195 -0.15 -39.04 33.86
N THR C 196 0.00 -38.04 34.74
CA THR C 196 -0.99 -36.98 34.81
C THR C 196 -0.55 -35.85 33.90
N TYR C 197 -1.52 -35.26 33.25
CA TYR C 197 -1.29 -34.28 32.20
C TYR C 197 -1.96 -32.99 32.60
N ILE C 198 -1.16 -31.94 32.71
CA ILE C 198 -1.59 -30.60 33.09
C ILE C 198 -1.21 -29.66 31.98
N CYS C 199 -2.14 -28.81 31.56
CA CYS C 199 -1.68 -27.74 30.71
C CYS C 199 -1.59 -26.43 31.52
N ASN C 200 -0.59 -25.66 31.20
CA ASN C 200 -0.25 -24.45 31.89
C ASN C 200 -0.51 -23.33 30.91
N VAL C 201 -1.48 -22.50 31.23
CA VAL C 201 -1.84 -21.38 30.40
C VAL C 201 -1.53 -20.09 31.15
N ASN C 202 -1.11 -19.09 30.40
CA ASN C 202 -0.68 -17.83 30.98
C ASN C 202 -1.12 -16.72 30.05
N HIS C 203 -1.87 -15.76 30.58
CA HIS C 203 -2.37 -14.61 29.83
C HIS C 203 -2.06 -13.34 30.63
N LYS C 204 -0.83 -12.84 30.45
CA LYS C 204 -0.37 -11.72 31.25
C LYS C 204 -1.20 -10.45 31.07
N PRO C 205 -1.66 -10.08 29.88
CA PRO C 205 -2.49 -8.87 29.76
C PRO C 205 -3.64 -8.84 30.74
N SER C 206 -4.18 -9.99 31.15
CA SER C 206 -5.28 -10.03 32.12
C SER C 206 -4.85 -10.56 33.48
N ASN C 207 -3.55 -10.69 33.72
CA ASN C 207 -3.01 -11.33 34.91
C ASN C 207 -3.73 -12.65 35.19
N THR C 208 -3.71 -13.53 34.19
CA THR C 208 -4.31 -14.86 34.32
C THR C 208 -3.26 -15.95 34.14
N LYS C 209 -3.19 -16.87 35.10
CA LYS C 209 -2.34 -18.06 35.04
C LYS C 209 -3.18 -19.23 35.54
N VAL C 210 -3.37 -20.24 34.69
CA VAL C 210 -4.30 -21.34 34.99
C VAL C 210 -3.62 -22.67 34.68
N ASP C 211 -3.70 -23.61 35.63
CA ASP C 211 -3.31 -25.00 35.43
C ASP C 211 -4.57 -25.87 35.35
N LYS C 212 -4.68 -26.72 34.33
CA LYS C 212 -5.86 -27.59 34.21
C LYS C 212 -5.42 -29.04 34.06
N ARG C 213 -5.99 -29.93 34.89
CA ARG C 213 -5.74 -31.35 34.70
C ARG C 213 -6.62 -31.85 33.58
N VAL C 214 -6.04 -32.65 32.69
CA VAL C 214 -6.77 -33.33 31.62
C VAL C 214 -6.66 -34.82 31.91
N GLU C 215 -7.71 -35.42 32.43
CA GLU C 215 -7.70 -36.87 32.60
C GLU C 215 -8.80 -37.50 31.77
N PRO C 216 -8.69 -38.80 31.44
CA PRO C 216 -9.59 -39.51 30.49
C PRO C 216 -11.10 -39.28 30.67
C1 NAG D . -23.55 18.03 -6.57
C2 NAG D . -24.62 17.29 -5.76
C3 NAG D . -24.20 17.23 -4.29
C4 NAG D . -22.71 16.88 -4.12
C5 NAG D . -21.74 17.28 -5.25
C6 NAG D . -20.53 16.37 -5.35
C7 NAG D . -27.01 18.27 -5.28
C8 NAG D . -26.78 18.60 -3.82
N2 NAG D . -26.00 17.74 -6.02
O3 NAG D . -24.98 16.24 -3.62
O4 NAG D . -22.20 17.55 -2.96
O5 NAG D . -22.36 17.30 -6.55
O6 NAG D . -20.84 15.08 -5.88
O7 NAG D . -28.11 18.52 -5.80
C1 NAG D . -22.01 16.57 -1.93
C2 NAG D . -21.22 17.15 -0.74
C3 NAG D . -21.17 16.12 0.43
C4 NAG D . -22.53 15.45 0.70
C5 NAG D . -23.22 15.04 -0.61
C6 NAG D . -24.65 14.56 -0.42
C7 NAG D . -19.33 18.70 -0.90
C8 NAG D . -17.92 18.89 -1.37
N2 NAG D . -19.88 17.49 -1.12
O3 NAG D . -20.72 16.84 1.59
O4 NAG D . -22.27 14.21 1.37
O5 NAG D . -23.29 16.19 -1.48
O6 NAG D . -25.20 14.98 0.84
O7 NAG D . -19.96 19.61 -0.36
C1 BMA D . -22.30 14.24 2.81
C2 BMA D . -22.73 12.80 3.29
C3 BMA D . -21.58 12.08 4.04
C4 BMA D . -20.89 12.96 5.14
C5 BMA D . -20.91 14.49 4.81
C6 BMA D . -19.64 15.20 5.28
O2 BMA D . -23.12 11.96 2.20
O3 BMA D . -20.61 11.54 3.13
O4 BMA D . -21.49 12.73 6.41
O5 BMA D . -21.05 14.67 3.38
O6 BMA D . -19.63 16.55 4.84
C1 NAG E . 22.10 41.43 -16.95
C2 NAG E . 23.04 41.99 -15.85
C3 NAG E . 22.40 43.19 -15.15
C4 NAG E . 22.06 44.27 -16.18
C5 NAG E . 21.09 43.69 -17.22
C6 NAG E . 20.73 44.66 -18.32
C7 NAG E . 24.64 40.58 -14.63
C8 NAG E . 24.81 39.50 -13.60
N2 NAG E . 23.37 40.96 -14.88
O3 NAG E . 23.22 43.71 -14.11
O4 NAG E . 21.54 45.42 -15.52
O5 NAG E . 21.67 42.55 -17.86
O6 NAG E . 20.78 46.00 -17.87
O7 NAG E . 25.58 41.08 -15.21
C1 NAG F . -0.15 28.78 -32.09
C2 NAG F . 0.56 28.26 -33.35
C3 NAG F . 1.66 29.24 -33.78
C4 NAG F . 1.06 30.62 -34.02
C5 NAG F . 0.36 31.11 -32.75
C6 NAG F . -0.34 32.45 -32.92
C7 NAG F . 0.48 25.78 -33.44
C8 NAG F . 1.23 24.51 -33.14
N2 NAG F . 1.12 26.92 -33.13
O3 NAG F . 2.35 28.78 -34.94
O4 NAG F . 2.05 31.54 -34.45
O5 NAG F . -0.63 30.15 -32.34
O6 NAG F . -1.54 32.42 -33.69
O7 NAG F . -0.66 25.76 -33.94
N1 BCN G . 0.64 18.46 -7.70
C1 BCN G . 1.00 17.08 -8.16
C2 BCN G . 1.42 17.00 -9.66
O21 BCN G . 2.55 16.52 -10.03
O22 BCN G . 0.62 17.36 -10.57
C3 BCN G . -0.86 18.72 -7.78
C4 BCN G . -1.45 19.28 -6.43
O4 BCN G . -2.48 20.25 -6.62
C5 BCN G . 1.48 19.45 -8.44
C6 BCN G . 1.42 20.87 -7.82
O6 BCN G . 2.30 20.97 -6.75
C1 GOL H . -13.22 20.95 -28.73
O1 GOL H . -13.91 19.86 -28.22
C2 GOL H . -14.12 22.17 -28.44
O2 GOL H . -13.40 23.35 -28.51
C3 GOL H . -15.28 22.07 -29.46
O3 GOL H . -16.32 22.87 -28.93
C1 GOL I . -6.46 11.86 -24.22
O1 GOL I . -5.94 12.80 -23.37
C2 GOL I . -5.25 11.36 -24.97
O2 GOL I . -4.70 12.41 -25.71
C3 GOL I . -4.29 10.78 -23.84
O3 GOL I . -3.41 9.89 -24.46
N1 BCN J . 17.36 40.06 -27.23
C1 BCN J . 16.54 38.79 -27.10
C2 BCN J . 17.31 37.41 -27.15
O21 BCN J . 17.69 36.76 -26.12
O22 BCN J . 17.54 36.88 -28.28
C3 BCN J . 17.95 40.51 -25.90
C4 BCN J . 19.40 39.99 -25.61
O4 BCN J . 20.21 41.02 -25.08
C5 BCN J . 16.53 41.16 -27.84
C6 BCN J . 17.10 42.57 -27.49
O6 BCN J . 18.37 42.73 -28.06
C1 GOL K . 10.70 20.55 -4.26
O1 GOL K . 11.25 21.39 -3.26
C2 GOL K . 9.50 19.92 -3.65
O2 GOL K . 9.83 19.38 -2.45
C3 GOL K . 9.07 18.84 -4.66
O3 GOL K . 9.17 19.38 -5.95
OH2 1PE L . 18.38 8.69 -15.18
C12 1PE L . 17.91 9.07 -13.90
C22 1PE L . 17.86 7.93 -12.86
OH3 1PE L . 17.41 6.80 -13.57
C13 1PE L . 18.74 5.05 -12.24
C23 1PE L . 17.37 5.71 -12.67
OH4 1PE L . 18.60 4.96 -10.80
C14 1PE L . 19.29 3.05 -9.51
C24 1PE L . 19.66 4.44 -10.04
OH5 1PE L . 20.25 2.12 -9.95
C15 1PE L . 19.81 -0.18 -10.53
C25 1PE L . 20.21 0.82 -9.44
OH6 1PE L . 20.91 -0.91 -11.02
C16 1PE L . 20.81 -0.98 -13.47
C26 1PE L . 20.63 -1.73 -12.13
OH7 1PE L . 19.98 -1.54 -14.46
C1 GOL M . 6.56 -7.91 -20.53
O1 GOL M . 5.94 -6.70 -20.27
C2 GOL M . 7.74 -7.90 -19.61
O2 GOL M . 7.42 -7.63 -18.30
C3 GOL M . 8.59 -9.20 -19.86
O3 GOL M . 9.56 -9.41 -18.83
C1 GOL N . -3.68 -6.72 0.94
O1 GOL N . -4.08 -5.37 0.90
C2 GOL N . -2.23 -6.90 0.32
O2 GOL N . -1.86 -8.30 0.17
C3 GOL N . -2.13 -6.02 -1.01
O3 GOL N . -1.76 -6.92 -2.05
C1 GOL O . -9.85 -24.20 16.03
O1 GOL O . -9.74 -25.50 16.39
C2 GOL O . -9.38 -23.46 17.28
O2 GOL O . -9.86 -22.17 17.29
C3 GOL O . -7.81 -23.60 17.29
O3 GOL O . -7.20 -22.35 17.57
C1 GOL P . 3.37 -26.97 15.60
O1 GOL P . 3.33 -26.61 16.96
C2 GOL P . 4.64 -27.80 15.30
O2 GOL P . 4.37 -28.90 14.46
C3 GOL P . 5.61 -26.80 14.61
O3 GOL P . 6.81 -27.50 14.31
#